data_6XN9
#
_entry.id   6XN9
#
_entity_poly.entity_id   1
_entity_poly.type   'polypeptide(L)'
_entity_poly.pdbx_seq_one_letter_code
;(PCA)EAFCYSDRFCQNYIGSIPDCCFGRGSYSFELQPPPWECYQC
;
_entity_poly.pdbx_strand_id   A
#
# COMPACT_ATOMS: atom_id res chain seq x y z
N GLU A 2 9.15 4.23 4.98
CA GLU A 2 8.59 3.91 3.70
C GLU A 2 7.82 2.62 3.79
N ALA A 3 6.53 2.72 3.87
CA ALA A 3 5.69 1.56 3.85
C ALA A 3 5.47 1.17 2.39
N PHE A 4 5.07 -0.04 2.17
CA PHE A 4 4.87 -0.53 0.83
C PHE A 4 3.57 0.00 0.30
N CYS A 5 3.59 0.54 -0.88
CA CYS A 5 2.45 1.18 -1.44
C CYS A 5 1.83 0.39 -2.56
N TYR A 6 0.57 0.13 -2.37
CA TYR A 6 -0.22 -0.57 -3.32
C TYR A 6 -1.31 0.34 -3.75
N SER A 7 -1.32 0.67 -5.01
CA SER A 7 -2.27 1.62 -5.59
C SER A 7 -3.72 1.16 -5.41
N ASP A 8 -3.91 -0.12 -5.29
CA ASP A 8 -5.21 -0.71 -5.15
C ASP A 8 -5.39 -1.14 -3.71
N ARG A 9 -6.63 -1.13 -3.21
CA ARG A 9 -6.87 -1.42 -1.80
C ARG A 9 -6.87 -2.90 -1.52
N PHE A 10 -6.77 -3.72 -2.55
CA PHE A 10 -6.72 -5.15 -2.36
C PHE A 10 -5.28 -5.62 -2.18
N CYS A 11 -4.34 -4.64 -2.08
CA CYS A 11 -2.94 -4.88 -1.67
C CYS A 11 -2.10 -5.63 -2.71
N GLN A 12 -2.58 -5.76 -3.91
CA GLN A 12 -1.84 -6.57 -4.87
C GLN A 12 -1.28 -5.76 -6.04
N ASN A 13 -1.26 -4.45 -5.91
CA ASN A 13 -0.64 -3.61 -6.95
C ASN A 13 0.49 -2.81 -6.36
N TYR A 14 1.64 -3.43 -6.27
CA TYR A 14 2.82 -2.84 -5.66
C TYR A 14 3.47 -1.85 -6.62
N ILE A 15 3.54 -0.60 -6.23
CA ILE A 15 4.20 0.41 -7.05
C ILE A 15 5.53 0.82 -6.45
N GLY A 16 5.78 0.34 -5.26
CA GLY A 16 7.00 0.66 -4.59
C GLY A 16 6.73 1.00 -3.16
N SER A 17 7.64 1.69 -2.55
CA SER A 17 7.50 2.11 -1.18
C SER A 17 7.86 3.59 -1.08
N ILE A 18 7.01 4.38 -0.46
CA ILE A 18 7.22 5.82 -0.33
C ILE A 18 6.62 6.33 0.97
N PRO A 19 7.24 7.35 1.58
CA PRO A 19 6.76 7.94 2.85
C PRO A 19 5.63 8.97 2.62
N ASP A 20 5.32 9.19 1.36
CA ASP A 20 4.25 10.09 0.94
C ASP A 20 3.20 9.26 0.22
N CYS A 21 3.04 8.06 0.73
CA CYS A 21 2.18 7.02 0.17
C CYS A 21 0.72 7.48 0.03
N CYS A 22 0.28 8.35 0.90
CA CYS A 22 -1.09 8.78 0.92
C CYS A 22 -1.36 10.01 0.08
N PHE A 23 -0.38 10.42 -0.68
CA PHE A 23 -0.53 11.58 -1.56
C PHE A 23 -0.91 11.15 -2.97
N GLY A 24 -1.45 9.97 -3.05
CA GLY A 24 -1.96 9.40 -4.25
C GLY A 24 -2.78 8.21 -3.89
N ARG A 25 -3.21 7.44 -4.87
CA ARG A 25 -3.94 6.22 -4.60
C ARG A 25 -2.97 5.26 -3.97
N GLY A 26 -3.31 4.74 -2.83
CA GLY A 26 -2.41 3.84 -2.20
C GLY A 26 -2.94 3.25 -0.93
N SER A 27 -2.52 2.08 -0.71
CA SER A 27 -2.75 1.35 0.47
C SER A 27 -1.37 0.97 0.94
N TYR A 28 -1.09 1.13 2.17
CA TYR A 28 0.22 0.85 2.66
C TYR A 28 0.21 -0.24 3.68
N SER A 29 1.21 -1.04 3.66
CA SER A 29 1.40 -2.09 4.60
C SER A 29 2.88 -2.23 4.85
N PHE A 30 3.24 -3.01 5.83
CA PHE A 30 4.61 -3.22 6.19
C PHE A 30 5.03 -4.62 5.77
N GLU A 31 4.21 -5.21 4.93
CA GLU A 31 4.41 -6.55 4.41
C GLU A 31 4.15 -6.55 2.90
N LEU A 32 4.79 -7.49 2.20
CA LEU A 32 4.71 -7.57 0.76
C LEU A 32 3.48 -8.30 0.28
N GLN A 33 2.65 -7.55 -0.44
CA GLN A 33 1.39 -7.99 -1.04
C GLN A 33 0.54 -8.91 -0.13
N PRO A 34 0.06 -8.38 1.01
CA PRO A 34 -0.76 -9.14 1.94
C PRO A 34 -2.26 -9.13 1.55
N PRO A 35 -3.14 -9.85 2.26
CA PRO A 35 -4.58 -9.79 2.00
C PRO A 35 -5.12 -8.33 2.18
N PRO A 36 -6.21 -7.98 1.45
CA PRO A 36 -6.80 -6.61 1.39
C PRO A 36 -6.96 -5.91 2.75
N TRP A 37 -7.31 -6.66 3.76
CA TRP A 37 -7.59 -6.12 5.06
C TRP A 37 -6.34 -5.76 5.86
N GLU A 38 -5.17 -6.18 5.40
CA GLU A 38 -3.93 -5.95 6.13
C GLU A 38 -3.26 -4.62 5.76
N CYS A 39 -3.76 -3.99 4.73
CA CYS A 39 -3.23 -2.71 4.32
C CYS A 39 -4.06 -1.60 4.93
N TYR A 40 -3.50 -0.44 5.00
CA TYR A 40 -4.22 0.71 5.43
C TYR A 40 -4.45 1.54 4.19
N GLN A 41 -5.67 1.85 3.89
CA GLN A 41 -5.96 2.63 2.70
C GLN A 41 -5.78 4.11 3.02
N CYS A 42 -5.11 4.80 2.16
CA CYS A 42 -4.92 6.20 2.30
C CYS A 42 -6.18 6.93 1.89
N GLU A 2 9.80 2.10 4.95
CA GLU A 2 8.89 2.84 4.12
C GLU A 2 7.64 2.04 3.92
N ALA A 3 6.55 2.71 3.69
CA ALA A 3 5.29 2.04 3.49
C ALA A 3 5.19 1.55 2.05
N PHE A 4 4.78 0.34 1.89
CA PHE A 4 4.62 -0.25 0.59
C PHE A 4 3.26 0.15 0.08
N CYS A 5 3.25 0.81 -1.02
CA CYS A 5 2.04 1.32 -1.56
C CYS A 5 1.51 0.44 -2.66
N TYR A 6 0.25 0.16 -2.58
CA TYR A 6 -0.44 -0.61 -3.56
C TYR A 6 -1.58 0.22 -4.02
N SER A 7 -1.65 0.45 -5.30
CA SER A 7 -2.68 1.29 -5.85
C SER A 7 -4.00 0.52 -6.00
N ASP A 8 -3.95 -0.70 -5.55
CA ASP A 8 -5.07 -1.60 -5.54
C ASP A 8 -5.44 -1.89 -4.09
N ARG A 9 -6.72 -1.93 -3.81
CA ARG A 9 -7.23 -2.13 -2.45
C ARG A 9 -7.20 -3.59 -2.04
N PHE A 10 -6.81 -4.46 -2.94
CA PHE A 10 -6.71 -5.85 -2.63
C PHE A 10 -5.25 -6.21 -2.41
N CYS A 11 -4.41 -5.15 -2.36
CA CYS A 11 -2.97 -5.25 -2.08
C CYS A 11 -2.22 -5.95 -3.23
N GLN A 12 -2.82 -6.00 -4.41
CA GLN A 12 -2.21 -6.75 -5.49
C GLN A 12 -1.45 -5.88 -6.50
N ASN A 13 -1.43 -4.58 -6.31
CA ASN A 13 -0.72 -3.71 -7.27
C ASN A 13 0.33 -2.89 -6.58
N TYR A 14 1.50 -3.44 -6.46
CA TYR A 14 2.61 -2.81 -5.79
C TYR A 14 3.25 -1.75 -6.67
N ILE A 15 3.16 -0.50 -6.26
CA ILE A 15 3.74 0.59 -7.02
C ILE A 15 5.11 1.00 -6.49
N GLY A 16 5.35 0.72 -5.23
CA GLY A 16 6.63 1.06 -4.65
C GLY A 16 6.51 1.32 -3.19
N SER A 17 7.57 1.79 -2.60
CA SER A 17 7.59 2.03 -1.20
C SER A 17 8.04 3.46 -0.92
N ILE A 18 7.26 4.14 -0.10
CA ILE A 18 7.50 5.50 0.31
C ILE A 18 6.86 5.73 1.67
N PRO A 19 7.48 6.51 2.55
CA PRO A 19 6.91 6.81 3.86
C PRO A 19 5.98 8.03 3.80
N ASP A 20 5.69 8.43 2.59
CA ASP A 20 4.84 9.57 2.30
C ASP A 20 3.71 9.08 1.43
N CYS A 21 3.33 7.85 1.67
CA CYS A 21 2.37 7.12 0.83
C CYS A 21 1.01 7.80 0.74
N CYS A 22 0.61 8.49 1.80
CA CYS A 22 -0.70 9.10 1.83
C CYS A 22 -0.79 10.44 1.10
N PHE A 23 0.27 10.77 0.37
CA PHE A 23 0.23 11.92 -0.51
C PHE A 23 -0.11 11.47 -1.94
N GLY A 24 -0.36 10.19 -2.08
CA GLY A 24 -0.69 9.62 -3.35
C GLY A 24 -1.82 8.61 -3.20
N ARG A 25 -2.27 8.11 -4.31
CA ARG A 25 -3.34 7.11 -4.34
C ARG A 25 -2.80 5.75 -3.97
N GLY A 26 -3.43 5.08 -3.02
CA GLY A 26 -3.02 3.75 -2.72
C GLY A 26 -3.39 3.28 -1.34
N SER A 27 -3.12 2.04 -1.12
CA SER A 27 -3.26 1.37 0.13
C SER A 27 -1.82 1.12 0.57
N TYR A 28 -1.57 1.04 1.83
CA TYR A 28 -0.21 0.87 2.27
C TYR A 28 -0.08 -0.15 3.37
N SER A 29 1.00 -0.85 3.36
CA SER A 29 1.32 -1.81 4.38
C SER A 29 2.82 -1.75 4.61
N PHE A 30 3.30 -2.39 5.62
CA PHE A 30 4.71 -2.39 5.89
C PHE A 30 5.26 -3.78 5.65
N GLU A 31 4.52 -4.52 4.83
CA GLU A 31 4.86 -5.87 4.46
C GLU A 31 4.46 -6.08 2.99
N LEU A 32 5.19 -6.93 2.29
CA LEU A 32 4.93 -7.19 0.87
C LEU A 32 3.75 -8.13 0.67
N GLN A 33 2.82 -7.67 -0.16
CA GLN A 33 1.61 -8.39 -0.57
C GLN A 33 0.88 -9.08 0.61
N PRO A 34 0.30 -8.30 1.52
CA PRO A 34 -0.43 -8.84 2.64
C PRO A 34 -1.93 -8.97 2.30
N PRO A 35 -2.75 -9.56 3.18
CA PRO A 35 -4.21 -9.62 3.00
C PRO A 35 -4.81 -8.21 2.80
N PRO A 36 -5.91 -8.10 2.02
CA PRO A 36 -6.55 -6.80 1.68
C PRO A 36 -6.88 -5.94 2.91
N TRP A 37 -7.27 -6.60 3.98
CA TRP A 37 -7.63 -5.93 5.22
C TRP A 37 -6.42 -5.47 6.01
N GLU A 38 -5.26 -5.97 5.65
CA GLU A 38 -4.03 -5.63 6.33
C GLU A 38 -3.42 -4.37 5.73
N CYS A 39 -3.84 -4.04 4.53
CA CYS A 39 -3.40 -2.83 3.90
C CYS A 39 -4.23 -1.68 4.43
N TYR A 40 -3.57 -0.68 4.95
CA TYR A 40 -4.23 0.48 5.47
C TYR A 40 -4.55 1.38 4.30
N GLN A 41 -5.48 2.25 4.47
CA GLN A 41 -5.86 3.13 3.39
C GLN A 41 -5.69 4.57 3.82
N CYS A 42 -5.33 5.39 2.88
CA CYS A 42 -5.14 6.78 3.14
C CYS A 42 -6.46 7.50 2.98
N GLU A 2 9.46 2.43 5.60
CA GLU A 2 8.76 2.76 4.40
C GLU A 2 7.50 1.95 4.30
N ALA A 3 6.53 2.51 3.67
CA ALA A 3 5.30 1.85 3.45
C ALA A 3 5.27 1.41 2.00
N PHE A 4 4.84 0.21 1.79
CA PHE A 4 4.72 -0.33 0.47
C PHE A 4 3.36 0.10 -0.04
N CYS A 5 3.34 0.80 -1.12
CA CYS A 5 2.11 1.34 -1.63
C CYS A 5 1.54 0.45 -2.72
N TYR A 6 0.25 0.22 -2.65
CA TYR A 6 -0.45 -0.57 -3.61
C TYR A 6 -1.61 0.22 -4.11
N SER A 7 -1.68 0.35 -5.38
CA SER A 7 -2.75 1.07 -6.03
C SER A 7 -4.02 0.25 -5.96
N ASP A 8 -3.84 -1.05 -6.01
CA ASP A 8 -4.92 -1.99 -5.90
C ASP A 8 -5.42 -2.01 -4.48
N ARG A 9 -6.70 -2.04 -4.32
CA ARG A 9 -7.31 -1.92 -3.01
C ARG A 9 -7.22 -3.22 -2.23
N PHE A 10 -6.76 -4.27 -2.86
CA PHE A 10 -6.66 -5.56 -2.24
C PHE A 10 -5.21 -5.95 -2.05
N CYS A 11 -4.30 -4.94 -2.14
CA CYS A 11 -2.84 -5.10 -1.88
C CYS A 11 -2.13 -5.88 -3.01
N GLN A 12 -2.75 -5.97 -4.16
CA GLN A 12 -2.21 -6.79 -5.24
C GLN A 12 -1.18 -6.04 -6.10
N ASN A 13 -1.31 -4.73 -6.19
CA ASN A 13 -0.48 -3.98 -7.16
C ASN A 13 0.52 -3.10 -6.48
N TYR A 14 1.73 -3.58 -6.40
CA TYR A 14 2.82 -2.84 -5.77
C TYR A 14 3.31 -1.74 -6.70
N ILE A 15 3.23 -0.51 -6.24
CA ILE A 15 3.66 0.63 -7.05
C ILE A 15 4.89 1.31 -6.47
N GLY A 16 5.45 0.73 -5.42
CA GLY A 16 6.65 1.29 -4.85
C GLY A 16 6.56 1.39 -3.34
N SER A 17 7.64 1.75 -2.72
CA SER A 17 7.68 1.92 -1.30
C SER A 17 8.23 3.28 -0.97
N ILE A 18 7.53 3.97 -0.12
CA ILE A 18 7.90 5.30 0.30
C ILE A 18 7.53 5.52 1.75
N PRO A 19 8.29 6.35 2.46
CA PRO A 19 8.01 6.65 3.87
C PRO A 19 6.77 7.55 4.03
N ASP A 20 6.38 8.21 2.95
CA ASP A 20 5.21 9.07 2.95
C ASP A 20 4.32 8.64 1.82
N CYS A 21 3.46 7.71 2.09
CA CYS A 21 2.66 7.09 1.06
C CYS A 21 1.33 7.83 0.84
N CYS A 22 0.95 8.68 1.76
CA CYS A 22 -0.36 9.33 1.67
C CYS A 22 -0.40 10.56 0.79
N PHE A 23 0.66 10.75 0.03
CA PHE A 23 0.68 11.78 -1.00
C PHE A 23 0.14 11.20 -2.30
N GLY A 24 -0.18 9.92 -2.24
CA GLY A 24 -0.79 9.24 -3.33
C GLY A 24 -1.95 8.43 -2.82
N ARG A 25 -3.04 8.40 -3.55
CA ARG A 25 -4.18 7.63 -3.15
C ARG A 25 -3.94 6.16 -3.44
N GLY A 26 -4.10 5.35 -2.45
CA GLY A 26 -3.86 3.95 -2.57
C GLY A 26 -3.80 3.31 -1.22
N SER A 27 -3.38 2.09 -1.20
CA SER A 27 -3.29 1.32 0.01
C SER A 27 -1.81 1.24 0.38
N TYR A 28 -1.50 1.11 1.64
CA TYR A 28 -0.12 0.98 2.05
C TYR A 28 0.00 0.00 3.19
N SER A 29 1.08 -0.71 3.24
CA SER A 29 1.33 -1.63 4.31
C SER A 29 2.82 -1.67 4.57
N PHE A 30 3.21 -2.31 5.64
CA PHE A 30 4.61 -2.44 5.97
C PHE A 30 5.02 -3.88 5.76
N GLU A 31 4.22 -4.57 4.97
CA GLU A 31 4.43 -5.96 4.61
C GLU A 31 4.14 -6.11 3.12
N LEU A 32 4.94 -6.91 2.44
CA LEU A 32 4.82 -7.11 1.01
C LEU A 32 3.68 -8.05 0.66
N GLN A 33 2.75 -7.50 -0.11
CA GLN A 33 1.54 -8.18 -0.58
C GLN A 33 0.84 -9.00 0.50
N PRO A 34 0.26 -8.35 1.51
CA PRO A 34 -0.49 -9.02 2.54
C PRO A 34 -1.97 -9.11 2.12
N PRO A 35 -2.82 -9.82 2.87
CA PRO A 35 -4.25 -9.86 2.57
C PRO A 35 -4.86 -8.43 2.63
N PRO A 36 -5.93 -8.17 1.83
CA PRO A 36 -6.55 -6.82 1.64
C PRO A 36 -6.77 -6.01 2.94
N TRP A 37 -7.09 -6.70 4.01
CA TRP A 37 -7.39 -6.05 5.29
C TRP A 37 -6.14 -5.52 6.01
N GLU A 38 -4.99 -5.98 5.59
CA GLU A 38 -3.73 -5.62 6.22
C GLU A 38 -3.17 -4.33 5.66
N CYS A 39 -3.70 -3.88 4.56
CA CYS A 39 -3.26 -2.63 3.99
C CYS A 39 -4.09 -1.49 4.51
N TYR A 40 -3.43 -0.43 4.87
CA TYR A 40 -4.07 0.75 5.35
C TYR A 40 -4.38 1.58 4.12
N GLN A 41 -5.18 2.59 4.24
CA GLN A 41 -5.56 3.38 3.09
C GLN A 41 -5.28 4.85 3.35
N CYS A 42 -4.88 5.56 2.33
CA CYS A 42 -4.63 6.98 2.44
C CYS A 42 -5.84 7.76 1.96
N GLU A 2 9.42 0.92 5.92
CA GLU A 2 8.98 1.41 4.64
C GLU A 2 7.52 1.09 4.44
N ALA A 3 6.78 2.03 3.95
CA ALA A 3 5.40 1.78 3.64
C ALA A 3 5.33 1.30 2.21
N PHE A 4 4.85 0.11 2.04
CA PHE A 4 4.72 -0.48 0.75
C PHE A 4 3.41 -0.07 0.17
N CYS A 5 3.45 0.63 -0.90
CA CYS A 5 2.28 1.20 -1.46
C CYS A 5 1.75 0.38 -2.60
N TYR A 6 0.49 0.10 -2.51
CA TYR A 6 -0.23 -0.61 -3.50
C TYR A 6 -1.28 0.33 -4.03
N SER A 7 -1.37 0.46 -5.32
CA SER A 7 -2.24 1.42 -5.96
C SER A 7 -3.73 1.02 -5.91
N ASP A 8 -4.01 -0.10 -5.29
CA ASP A 8 -5.36 -0.63 -5.20
C ASP A 8 -5.56 -1.25 -3.83
N ARG A 9 -6.79 -1.26 -3.36
CA ARG A 9 -7.14 -1.77 -2.02
C ARG A 9 -6.84 -3.25 -1.82
N PHE A 10 -6.75 -4.02 -2.89
CA PHE A 10 -6.54 -5.46 -2.74
C PHE A 10 -5.09 -5.85 -2.43
N CYS A 11 -4.19 -4.84 -2.37
CA CYS A 11 -2.77 -5.06 -1.99
C CYS A 11 -2.03 -5.93 -3.01
N GLN A 12 -2.53 -5.97 -4.21
CA GLN A 12 -1.97 -6.80 -5.25
C GLN A 12 -1.33 -5.96 -6.36
N ASN A 13 -1.16 -4.68 -6.11
CA ASN A 13 -0.56 -3.80 -7.11
C ASN A 13 0.52 -2.95 -6.48
N TYR A 14 1.70 -3.54 -6.35
CA TYR A 14 2.83 -2.90 -5.70
C TYR A 14 3.46 -1.86 -6.60
N ILE A 15 3.52 -0.63 -6.13
CA ILE A 15 4.13 0.44 -6.90
C ILE A 15 5.47 0.83 -6.32
N GLY A 16 5.77 0.28 -5.17
CA GLY A 16 7.01 0.56 -4.50
C GLY A 16 6.74 1.06 -3.11
N SER A 17 7.70 1.70 -2.54
CA SER A 17 7.57 2.27 -1.24
C SER A 17 7.89 3.73 -1.37
N ILE A 18 7.05 4.57 -0.86
CA ILE A 18 7.23 6.00 -0.99
C ILE A 18 6.77 6.69 0.28
N PRO A 19 7.50 7.72 0.75
CA PRO A 19 7.10 8.49 1.94
C PRO A 19 5.89 9.39 1.65
N ASP A 20 5.61 9.56 0.37
CA ASP A 20 4.49 10.38 -0.10
C ASP A 20 3.33 9.48 -0.49
N CYS A 21 3.28 8.31 0.13
CA CYS A 21 2.29 7.27 -0.16
C CYS A 21 0.86 7.80 -0.03
N CYS A 22 0.64 8.56 1.00
CA CYS A 22 -0.68 9.05 1.34
C CYS A 22 -1.08 10.33 0.63
N PHE A 23 -0.29 10.76 -0.33
CA PHE A 23 -0.61 11.96 -1.08
C PHE A 23 -1.28 11.59 -2.39
N GLY A 24 -1.54 10.31 -2.57
CA GLY A 24 -2.20 9.83 -3.74
C GLY A 24 -3.06 8.65 -3.39
N ARG A 25 -3.67 8.04 -4.38
CA ARG A 25 -4.50 6.85 -4.16
C ARG A 25 -3.58 5.67 -3.86
N GLY A 26 -3.85 4.99 -2.78
CA GLY A 26 -3.04 3.87 -2.46
C GLY A 26 -3.36 3.28 -1.13
N SER A 27 -2.97 2.07 -0.96
CA SER A 27 -3.10 1.34 0.24
C SER A 27 -1.68 0.94 0.63
N TYR A 28 -1.31 1.08 1.85
CA TYR A 28 0.05 0.77 2.24
C TYR A 28 0.08 -0.27 3.33
N SER A 29 1.11 -1.04 3.34
CA SER A 29 1.32 -2.02 4.36
C SER A 29 2.79 -2.01 4.74
N PHE A 30 3.13 -2.68 5.81
CA PHE A 30 4.51 -2.76 6.22
C PHE A 30 5.08 -4.12 5.88
N GLU A 31 4.27 -4.89 5.15
CA GLU A 31 4.63 -6.22 4.70
C GLU A 31 4.33 -6.32 3.22
N LEU A 32 5.06 -7.19 2.55
CA LEU A 32 4.90 -7.38 1.13
C LEU A 32 3.86 -8.44 0.86
N GLN A 33 3.05 -8.16 -0.14
CA GLN A 33 1.96 -9.03 -0.61
C GLN A 33 1.02 -9.51 0.53
N PRO A 34 0.39 -8.59 1.27
CA PRO A 34 -0.53 -8.94 2.31
C PRO A 34 -1.98 -8.95 1.79
N PRO A 35 -2.95 -9.46 2.55
CA PRO A 35 -4.34 -9.39 2.15
C PRO A 35 -4.89 -7.94 2.34
N PRO A 36 -5.95 -7.56 1.57
CA PRO A 36 -6.53 -6.19 1.56
C PRO A 36 -6.67 -5.51 2.93
N TRP A 37 -7.13 -6.26 3.90
CA TRP A 37 -7.38 -5.73 5.25
C TRP A 37 -6.10 -5.35 6.00
N GLU A 38 -4.97 -5.80 5.51
CA GLU A 38 -3.69 -5.52 6.13
C GLU A 38 -3.06 -4.27 5.53
N CYS A 39 -3.68 -3.74 4.51
CA CYS A 39 -3.24 -2.50 3.94
C CYS A 39 -4.08 -1.39 4.50
N TYR A 40 -3.44 -0.31 4.79
CA TYR A 40 -4.10 0.80 5.39
C TYR A 40 -4.35 1.84 4.33
N GLN A 41 -5.49 2.45 4.39
CA GLN A 41 -5.85 3.46 3.42
C GLN A 41 -5.33 4.81 3.85
N CYS A 42 -4.91 5.58 2.89
CA CYS A 42 -4.40 6.90 3.13
C CYS A 42 -5.49 7.93 2.96
N GLU A 2 9.85 0.83 5.39
CA GLU A 2 9.20 1.63 4.38
C GLU A 2 7.73 1.24 4.30
N ALA A 3 6.89 2.19 3.99
CA ALA A 3 5.52 1.88 3.75
C ALA A 3 5.40 1.42 2.31
N PHE A 4 4.96 0.22 2.13
CA PHE A 4 4.85 -0.38 0.84
C PHE A 4 3.56 0.05 0.21
N CYS A 5 3.66 0.70 -0.91
CA CYS A 5 2.53 1.30 -1.53
C CYS A 5 1.91 0.39 -2.57
N TYR A 6 0.62 0.28 -2.52
CA TYR A 6 -0.13 -0.47 -3.48
C TYR A 6 -1.21 0.43 -3.97
N SER A 7 -1.29 0.61 -5.24
CA SER A 7 -2.28 1.49 -5.81
C SER A 7 -3.66 0.86 -5.68
N ASP A 8 -3.67 -0.45 -5.67
CA ASP A 8 -4.88 -1.20 -5.50
C ASP A 8 -5.20 -1.35 -4.02
N ARG A 9 -6.45 -1.16 -3.69
CA ARG A 9 -6.93 -1.18 -2.30
C ARG A 9 -6.99 -2.59 -1.73
N PHE A 10 -6.75 -3.58 -2.56
CA PHE A 10 -6.81 -4.95 -2.13
C PHE A 10 -5.42 -5.56 -2.16
N CYS A 11 -4.40 -4.69 -2.20
CA CYS A 11 -2.97 -5.06 -2.12
C CYS A 11 -2.50 -5.78 -3.39
N GLN A 12 -3.25 -5.65 -4.47
CA GLN A 12 -2.91 -6.35 -5.70
C GLN A 12 -1.88 -5.64 -6.57
N ASN A 13 -1.62 -4.36 -6.34
CA ASN A 13 -0.67 -3.66 -7.21
C ASN A 13 0.39 -2.93 -6.45
N TYR A 14 1.51 -3.58 -6.26
CA TYR A 14 2.65 -3.00 -5.57
C TYR A 14 3.31 -1.97 -6.47
N ILE A 15 3.40 -0.74 -6.02
CA ILE A 15 3.97 0.32 -6.84
C ILE A 15 5.30 0.82 -6.28
N GLY A 16 5.77 0.18 -5.25
CA GLY A 16 7.01 0.56 -4.64
C GLY A 16 6.78 1.04 -3.23
N SER A 17 7.71 1.76 -2.69
CA SER A 17 7.56 2.28 -1.36
C SER A 17 8.13 3.69 -1.31
N ILE A 18 7.37 4.60 -0.77
CA ILE A 18 7.74 6.00 -0.73
C ILE A 18 7.18 6.64 0.54
N PRO A 19 7.79 7.74 1.03
CA PRO A 19 7.30 8.46 2.22
C PRO A 19 6.13 9.35 1.86
N ASP A 20 5.86 9.44 0.58
CA ASP A 20 4.80 10.25 0.03
C ASP A 20 3.68 9.32 -0.40
N CYS A 21 3.63 8.17 0.23
CA CYS A 21 2.75 7.08 -0.13
C CYS A 21 1.27 7.49 -0.15
N CYS A 22 0.87 8.25 0.83
CA CYS A 22 -0.53 8.64 0.95
C CYS A 22 -0.80 10.01 0.35
N PHE A 23 0.08 10.46 -0.52
CA PHE A 23 -0.14 11.70 -1.24
C PHE A 23 -0.88 11.40 -2.54
N GLY A 24 -1.23 10.14 -2.69
CA GLY A 24 -1.99 9.66 -3.79
C GLY A 24 -2.96 8.64 -3.28
N ARG A 25 -3.93 8.28 -4.06
CA ARG A 25 -4.91 7.30 -3.63
C ARG A 25 -4.29 5.90 -3.74
N GLY A 26 -4.52 5.09 -2.75
CA GLY A 26 -3.98 3.77 -2.73
C GLY A 26 -3.90 3.22 -1.33
N SER A 27 -3.06 2.26 -1.15
CA SER A 27 -2.89 1.61 0.12
C SER A 27 -1.40 1.57 0.46
N TYR A 28 -1.10 1.24 1.70
CA TYR A 28 0.24 1.07 2.15
C TYR A 28 0.25 -0.02 3.21
N SER A 29 1.31 -0.72 3.30
CA SER A 29 1.46 -1.73 4.31
C SER A 29 2.89 -1.74 4.78
N PHE A 30 3.16 -2.45 5.83
CA PHE A 30 4.50 -2.56 6.33
C PHE A 30 4.99 -3.98 6.12
N GLU A 31 4.27 -4.69 5.28
CA GLU A 31 4.54 -6.05 4.92
C GLU A 31 4.34 -6.22 3.42
N LEU A 32 5.19 -7.01 2.80
CA LEU A 32 5.08 -7.27 1.39
C LEU A 32 4.08 -8.38 1.15
N GLN A 33 3.20 -8.13 0.18
CA GLN A 33 2.11 -9.04 -0.20
C GLN A 33 1.24 -9.44 1.00
N PRO A 34 0.50 -8.50 1.58
CA PRO A 34 -0.39 -8.78 2.69
C PRO A 34 -1.83 -9.05 2.21
N PRO A 35 -2.68 -9.64 3.07
CA PRO A 35 -4.10 -9.83 2.77
C PRO A 35 -4.74 -8.45 2.48
N PRO A 36 -5.78 -8.39 1.62
CA PRO A 36 -6.44 -7.13 1.20
C PRO A 36 -6.84 -6.23 2.38
N TRP A 37 -7.31 -6.84 3.44
CA TRP A 37 -7.77 -6.12 4.62
C TRP A 37 -6.62 -5.62 5.49
N GLU A 38 -5.43 -6.13 5.26
CA GLU A 38 -4.27 -5.78 6.07
C GLU A 38 -3.59 -4.53 5.59
N CYS A 39 -3.76 -4.19 4.33
CA CYS A 39 -3.21 -2.96 3.82
C CYS A 39 -4.00 -1.79 4.36
N TYR A 40 -3.29 -0.81 4.81
CA TYR A 40 -3.87 0.38 5.35
C TYR A 40 -4.15 1.27 4.15
N GLN A 41 -5.27 1.92 4.12
CA GLN A 41 -5.59 2.69 2.94
C GLN A 41 -5.22 4.15 3.15
N CYS A 42 -4.90 4.81 2.08
CA CYS A 42 -4.61 6.21 2.11
C CYS A 42 -5.87 6.95 1.70
N GLU A 2 9.52 1.52 6.07
CA GLU A 2 9.13 1.25 4.70
C GLU A 2 7.64 1.01 4.61
N ALA A 3 6.97 1.91 3.95
CA ALA A 3 5.58 1.74 3.67
C ALA A 3 5.47 1.36 2.22
N PHE A 4 4.93 0.21 1.98
CA PHE A 4 4.80 -0.32 0.67
C PHE A 4 3.47 0.10 0.11
N CYS A 5 3.51 0.73 -1.00
CA CYS A 5 2.36 1.31 -1.60
C CYS A 5 1.81 0.42 -2.70
N TYR A 6 0.53 0.19 -2.65
CA TYR A 6 -0.16 -0.58 -3.63
C TYR A 6 -1.28 0.27 -4.15
N SER A 7 -1.40 0.34 -5.44
CA SER A 7 -2.42 1.13 -6.07
C SER A 7 -3.76 0.44 -5.92
N ASP A 8 -3.70 -0.86 -5.90
CA ASP A 8 -4.83 -1.72 -5.72
C ASP A 8 -5.22 -1.75 -4.24
N ARG A 9 -6.50 -1.69 -3.98
CA ARG A 9 -7.01 -1.61 -2.61
C ARG A 9 -7.03 -2.94 -1.91
N PHE A 10 -6.69 -3.99 -2.64
CA PHE A 10 -6.69 -5.31 -2.09
C PHE A 10 -5.25 -5.81 -2.00
N CYS A 11 -4.31 -4.83 -2.11
CA CYS A 11 -2.86 -5.04 -1.94
C CYS A 11 -2.27 -5.86 -3.08
N GLN A 12 -2.99 -5.99 -4.19
CA GLN A 12 -2.52 -6.87 -5.24
C GLN A 12 -1.66 -6.18 -6.29
N ASN A 13 -1.47 -4.87 -6.18
CA ASN A 13 -0.66 -4.18 -7.19
C ASN A 13 0.33 -3.24 -6.54
N TYR A 14 1.54 -3.73 -6.38
CA TYR A 14 2.63 -3.02 -5.75
C TYR A 14 3.19 -1.96 -6.69
N ILE A 15 3.25 -0.72 -6.23
CA ILE A 15 3.78 0.35 -7.06
C ILE A 15 5.11 0.90 -6.53
N GLY A 16 5.52 0.43 -5.38
CA GLY A 16 6.76 0.87 -4.82
C GLY A 16 6.59 1.23 -3.37
N SER A 17 7.60 1.82 -2.79
CA SER A 17 7.55 2.26 -1.43
C SER A 17 8.06 3.68 -1.38
N ILE A 18 7.32 4.56 -0.76
CA ILE A 18 7.66 5.98 -0.70
C ILE A 18 7.19 6.59 0.60
N PRO A 19 7.88 7.63 1.09
CA PRO A 19 7.50 8.33 2.33
C PRO A 19 6.36 9.34 2.11
N ASP A 20 5.97 9.49 0.87
CA ASP A 20 4.87 10.39 0.50
C ASP A 20 3.71 9.54 -0.01
N CYS A 21 3.65 8.31 0.49
CA CYS A 21 2.69 7.31 0.04
C CYS A 21 1.23 7.81 0.15
N CYS A 22 0.94 8.59 1.17
CA CYS A 22 -0.41 9.08 1.40
C CYS A 22 -0.68 10.41 0.74
N PHE A 23 0.22 10.86 -0.10
CA PHE A 23 0.00 12.08 -0.88
C PHE A 23 -0.58 11.72 -2.25
N GLY A 24 -1.01 10.51 -2.33
CA GLY A 24 -1.69 9.97 -3.45
C GLY A 24 -2.58 8.88 -2.95
N ARG A 25 -3.59 8.53 -3.69
CA ARG A 25 -4.49 7.49 -3.25
C ARG A 25 -3.88 6.12 -3.45
N GLY A 26 -4.10 5.25 -2.51
CA GLY A 26 -3.57 3.94 -2.58
C GLY A 26 -3.57 3.28 -1.24
N SER A 27 -3.11 2.08 -1.21
CA SER A 27 -3.03 1.30 -0.02
C SER A 27 -1.56 1.21 0.39
N TYR A 28 -1.29 1.12 1.66
CA TYR A 28 0.06 0.93 2.12
C TYR A 28 0.08 -0.09 3.23
N SER A 29 1.14 -0.79 3.32
CA SER A 29 1.36 -1.72 4.37
C SER A 29 2.83 -1.70 4.69
N PHE A 30 3.19 -2.24 5.82
CA PHE A 30 4.58 -2.29 6.21
C PHE A 30 5.13 -3.69 5.96
N GLU A 31 4.32 -4.48 5.27
CA GLU A 31 4.67 -5.82 4.93
C GLU A 31 4.31 -6.06 3.46
N LEU A 32 5.16 -6.77 2.76
CA LEU A 32 4.96 -7.07 1.36
C LEU A 32 3.91 -8.14 1.14
N GLN A 33 3.12 -7.91 0.11
CA GLN A 33 2.05 -8.80 -0.39
C GLN A 33 1.15 -9.37 0.72
N PRO A 34 0.41 -8.53 1.45
CA PRO A 34 -0.51 -8.98 2.46
C PRO A 34 -1.95 -9.06 1.89
N PRO A 35 -2.89 -9.68 2.61
CA PRO A 35 -4.29 -9.72 2.19
C PRO A 35 -4.94 -8.31 2.30
N PRO A 36 -6.01 -8.05 1.50
CA PRO A 36 -6.71 -6.74 1.41
C PRO A 36 -6.87 -5.95 2.73
N TRP A 37 -7.34 -6.63 3.76
CA TRP A 37 -7.61 -6.00 5.07
C TRP A 37 -6.33 -5.58 5.81
N GLU A 38 -5.20 -6.05 5.34
CA GLU A 38 -3.94 -5.78 5.97
C GLU A 38 -3.27 -4.53 5.43
N CYS A 39 -3.84 -3.93 4.41
CA CYS A 39 -3.35 -2.69 3.93
C CYS A 39 -4.16 -1.55 4.48
N TYR A 40 -3.49 -0.52 4.86
CA TYR A 40 -4.11 0.66 5.34
C TYR A 40 -4.18 1.59 4.16
N GLN A 41 -5.29 2.19 3.94
CA GLN A 41 -5.40 3.05 2.79
C GLN A 41 -5.25 4.48 3.20
N CYS A 42 -4.65 5.25 2.33
CA CYS A 42 -4.42 6.64 2.58
C CYS A 42 -5.68 7.42 2.28
N GLU A 2 9.26 3.19 5.77
CA GLU A 2 8.89 2.72 4.44
C GLU A 2 7.51 2.09 4.45
N ALA A 3 6.61 2.68 3.74
CA ALA A 3 5.30 2.15 3.56
C ALA A 3 5.21 1.59 2.17
N PHE A 4 4.70 0.41 2.04
CA PHE A 4 4.57 -0.22 0.75
C PHE A 4 3.26 0.21 0.15
N CYS A 5 3.32 0.79 -1.02
CA CYS A 5 2.14 1.37 -1.63
C CYS A 5 1.54 0.47 -2.69
N TYR A 6 0.25 0.26 -2.59
CA TYR A 6 -0.50 -0.54 -3.53
C TYR A 6 -1.68 0.25 -3.98
N SER A 7 -1.85 0.37 -5.25
CA SER A 7 -2.98 1.11 -5.80
C SER A 7 -4.27 0.29 -5.64
N ASP A 8 -4.09 -0.99 -5.51
CA ASP A 8 -5.18 -1.91 -5.42
C ASP A 8 -5.56 -2.12 -3.94
N ARG A 9 -6.85 -2.26 -3.70
CA ARG A 9 -7.39 -2.36 -2.35
C ARG A 9 -7.25 -3.77 -1.77
N PHE A 10 -6.81 -4.70 -2.57
CA PHE A 10 -6.61 -6.05 -2.12
C PHE A 10 -5.12 -6.32 -2.07
N CYS A 11 -4.34 -5.22 -2.12
CA CYS A 11 -2.87 -5.25 -2.04
C CYS A 11 -2.27 -5.88 -3.31
N GLN A 12 -3.06 -5.95 -4.36
CA GLN A 12 -2.64 -6.65 -5.59
C GLN A 12 -1.81 -5.78 -6.55
N ASN A 13 -1.69 -4.49 -6.27
CA ASN A 13 -0.97 -3.62 -7.22
C ASN A 13 0.15 -2.90 -6.56
N TYR A 14 1.29 -3.52 -6.52
CA TYR A 14 2.45 -2.92 -5.88
C TYR A 14 3.03 -1.84 -6.80
N ILE A 15 3.11 -0.62 -6.31
CA ILE A 15 3.68 0.46 -7.11
C ILE A 15 5.00 0.95 -6.52
N GLY A 16 5.43 0.29 -5.49
CA GLY A 16 6.68 0.64 -4.86
C GLY A 16 6.49 0.90 -3.39
N SER A 17 7.49 1.44 -2.77
CA SER A 17 7.45 1.74 -1.39
C SER A 17 8.10 3.08 -1.15
N ILE A 18 7.50 3.87 -0.31
CA ILE A 18 7.99 5.20 0.02
C ILE A 18 7.60 5.49 1.46
N PRO A 19 8.37 6.33 2.16
CA PRO A 19 8.08 6.69 3.54
C PRO A 19 6.76 7.45 3.67
N ASP A 20 6.52 8.36 2.74
CA ASP A 20 5.31 9.16 2.76
C ASP A 20 4.39 8.67 1.65
N CYS A 21 3.47 7.81 2.00
CA CYS A 21 2.64 7.14 1.00
C CYS A 21 1.26 7.81 0.82
N CYS A 22 0.82 8.57 1.79
CA CYS A 22 -0.53 9.14 1.69
C CYS A 22 -0.59 10.45 0.93
N PHE A 23 0.51 10.87 0.34
CA PHE A 23 0.53 12.08 -0.46
C PHE A 23 0.16 11.77 -1.90
N GLY A 24 -0.06 10.51 -2.13
CA GLY A 24 -0.51 10.03 -3.39
C GLY A 24 -1.63 9.08 -3.15
N ARG A 25 -2.32 8.69 -4.19
CA ARG A 25 -3.41 7.76 -4.06
C ARG A 25 -2.90 6.35 -3.88
N GLY A 26 -3.46 5.62 -2.93
CA GLY A 26 -3.07 4.25 -2.78
C GLY A 26 -3.33 3.70 -1.40
N SER A 27 -3.03 2.45 -1.25
CA SER A 27 -3.11 1.73 -0.03
C SER A 27 -1.67 1.53 0.43
N TYR A 28 -1.46 1.37 1.70
CA TYR A 28 -0.15 1.14 2.21
C TYR A 28 -0.17 -0.02 3.17
N SER A 29 0.92 -0.71 3.25
CA SER A 29 1.08 -1.76 4.18
C SER A 29 2.51 -1.72 4.69
N PHE A 30 2.78 -2.46 5.73
CA PHE A 30 4.11 -2.51 6.29
C PHE A 30 4.79 -3.80 5.89
N GLU A 31 4.15 -4.55 5.00
CA GLU A 31 4.68 -5.80 4.51
C GLU A 31 4.46 -5.94 3.02
N LEU A 32 5.29 -6.75 2.39
CA LEU A 32 5.17 -7.05 0.97
C LEU A 32 4.12 -8.10 0.74
N GLN A 33 3.17 -7.74 -0.10
CA GLN A 33 2.06 -8.59 -0.52
C GLN A 33 1.32 -9.22 0.68
N PRO A 34 0.58 -8.42 1.45
CA PRO A 34 -0.23 -8.90 2.55
C PRO A 34 -1.69 -9.12 2.11
N PRO A 35 -2.54 -9.69 2.97
CA PRO A 35 -3.96 -9.82 2.68
C PRO A 35 -4.66 -8.45 2.68
N PRO A 36 -5.73 -8.28 1.86
CA PRO A 36 -6.47 -7.01 1.65
C PRO A 36 -6.70 -6.17 2.92
N TRP A 37 -7.08 -6.82 3.99
CA TRP A 37 -7.44 -6.14 5.23
C TRP A 37 -6.22 -5.71 6.05
N GLU A 38 -5.05 -6.11 5.64
CA GLU A 38 -3.85 -5.69 6.31
C GLU A 38 -3.18 -4.52 5.60
N CYS A 39 -3.77 -4.13 4.49
CA CYS A 39 -3.37 -2.93 3.80
C CYS A 39 -4.36 -1.84 4.19
N TYR A 40 -3.87 -0.65 4.38
CA TYR A 40 -4.69 0.44 4.83
C TYR A 40 -4.76 1.46 3.71
N GLN A 41 -5.93 1.97 3.43
CA GLN A 41 -6.05 2.97 2.39
C GLN A 41 -5.85 4.35 2.97
N CYS A 42 -5.16 5.19 2.25
CA CYS A 42 -5.00 6.56 2.65
C CYS A 42 -6.28 7.29 2.30
N GLU A 2 9.32 4.14 5.00
CA GLU A 2 8.63 4.05 3.75
C GLU A 2 7.74 2.83 3.79
N ALA A 3 6.52 2.98 3.36
CA ALA A 3 5.58 1.90 3.40
C ALA A 3 5.39 1.33 2.01
N PHE A 4 5.01 0.08 1.95
CA PHE A 4 4.79 -0.59 0.68
C PHE A 4 3.46 -0.14 0.12
N CYS A 5 3.48 0.46 -1.03
CA CYS A 5 2.30 1.03 -1.61
C CYS A 5 1.70 0.15 -2.67
N TYR A 6 0.44 -0.07 -2.53
CA TYR A 6 -0.36 -0.77 -3.46
C TYR A 6 -1.45 0.16 -3.85
N SER A 7 -1.47 0.50 -5.10
CA SER A 7 -2.41 1.46 -5.65
C SER A 7 -3.87 1.08 -5.39
N ASP A 8 -4.11 -0.19 -5.37
CA ASP A 8 -5.44 -0.72 -5.23
C ASP A 8 -5.61 -1.38 -3.85
N ARG A 9 -6.84 -1.40 -3.34
CA ARG A 9 -7.17 -1.92 -2.01
C ARG A 9 -6.91 -3.42 -1.84
N PHE A 10 -6.81 -4.18 -2.93
CA PHE A 10 -6.58 -5.63 -2.83
C PHE A 10 -5.15 -5.97 -2.44
N CYS A 11 -4.30 -4.94 -2.32
CA CYS A 11 -2.93 -5.10 -1.83
C CYS A 11 -2.07 -5.94 -2.78
N GLN A 12 -2.45 -6.00 -4.03
CA GLN A 12 -1.73 -6.79 -5.01
C GLN A 12 -0.91 -5.91 -5.93
N ASN A 13 -1.24 -4.63 -6.00
CA ASN A 13 -0.58 -3.78 -6.99
C ASN A 13 0.60 -3.08 -6.38
N TYR A 14 1.70 -3.76 -6.33
CA TYR A 14 2.88 -3.20 -5.72
C TYR A 14 3.60 -2.29 -6.68
N ILE A 15 3.61 -1.03 -6.36
CA ILE A 15 4.31 -0.06 -7.17
C ILE A 15 5.69 0.22 -6.59
N GLY A 16 5.77 0.22 -5.29
CA GLY A 16 6.99 0.48 -4.62
C GLY A 16 6.73 0.87 -3.21
N SER A 17 7.72 1.34 -2.54
CA SER A 17 7.59 1.74 -1.18
C SER A 17 8.09 3.16 -1.03
N ILE A 18 7.29 4.01 -0.41
CA ILE A 18 7.60 5.44 -0.26
C ILE A 18 7.04 5.93 1.08
N PRO A 19 7.54 7.06 1.61
CA PRO A 19 7.06 7.61 2.87
C PRO A 19 5.99 8.69 2.67
N ASP A 20 5.56 8.85 1.45
CA ASP A 20 4.55 9.85 1.09
C ASP A 20 3.42 9.15 0.32
N CYS A 21 3.15 7.93 0.75
CA CYS A 21 2.19 7.04 0.10
C CYS A 21 0.77 7.65 0.08
N CYS A 22 0.44 8.43 1.10
CA CYS A 22 -0.90 8.97 1.22
C CYS A 22 -1.07 10.34 0.58
N PHE A 23 -0.07 10.79 -0.18
CA PHE A 23 -0.19 12.04 -0.94
C PHE A 23 -0.80 11.77 -2.31
N GLY A 24 -1.28 10.58 -2.44
CA GLY A 24 -1.98 10.11 -3.59
C GLY A 24 -2.82 8.96 -3.12
N ARG A 25 -3.59 8.37 -3.99
CA ARG A 25 -4.40 7.24 -3.60
C ARG A 25 -3.53 6.02 -3.50
N GLY A 26 -3.68 5.27 -2.45
CA GLY A 26 -2.91 4.08 -2.29
C GLY A 26 -3.26 3.37 -1.02
N SER A 27 -2.87 2.16 -0.95
CA SER A 27 -3.01 1.34 0.20
C SER A 27 -1.59 1.01 0.62
N TYR A 28 -1.28 1.09 1.87
CA TYR A 28 0.07 0.85 2.29
C TYR A 28 0.13 -0.20 3.38
N SER A 29 1.16 -0.97 3.38
CA SER A 29 1.36 -1.98 4.39
C SER A 29 2.82 -2.02 4.77
N PHE A 30 3.14 -2.75 5.80
CA PHE A 30 4.51 -2.87 6.23
C PHE A 30 5.02 -4.28 5.96
N GLU A 31 4.34 -4.93 5.02
CA GLU A 31 4.69 -6.27 4.61
C GLU A 31 4.28 -6.46 3.13
N LEU A 32 5.10 -7.16 2.37
CA LEU A 32 4.86 -7.40 0.95
C LEU A 32 3.75 -8.39 0.72
N GLN A 33 2.89 -8.03 -0.22
CA GLN A 33 1.73 -8.81 -0.67
C GLN A 33 0.85 -9.33 0.48
N PRO A 34 0.20 -8.43 1.22
CA PRO A 34 -0.67 -8.82 2.30
C PRO A 34 -2.13 -8.96 1.80
N PRO A 35 -3.03 -9.51 2.63
CA PRO A 35 -4.45 -9.57 2.29
C PRO A 35 -5.05 -8.15 2.18
N PRO A 36 -6.17 -7.97 1.43
CA PRO A 36 -6.82 -6.65 1.19
C PRO A 36 -7.10 -5.85 2.49
N TRP A 37 -7.33 -6.55 3.56
CA TRP A 37 -7.66 -5.92 4.82
C TRP A 37 -6.41 -5.58 5.65
N GLU A 38 -5.25 -5.95 5.16
CA GLU A 38 -4.03 -5.73 5.89
C GLU A 38 -3.30 -4.47 5.47
N CYS A 39 -3.79 -3.83 4.45
CA CYS A 39 -3.23 -2.57 4.06
C CYS A 39 -3.99 -1.48 4.77
N TYR A 40 -3.35 -0.38 5.00
CA TYR A 40 -3.99 0.77 5.56
C TYR A 40 -4.35 1.60 4.36
N GLN A 41 -5.45 2.26 4.40
CA GLN A 41 -5.89 2.97 3.25
C GLN A 41 -5.70 4.46 3.40
N CYS A 42 -5.02 5.04 2.45
CA CYS A 42 -4.85 6.44 2.36
C CYS A 42 -6.15 7.01 1.83
N GLU A 2 9.84 -0.19 5.15
CA GLU A 2 9.20 0.99 4.58
C GLU A 2 7.74 0.69 4.39
N ALA A 3 6.94 1.71 4.26
CA ALA A 3 5.54 1.49 3.99
C ALA A 3 5.39 1.25 2.50
N PHE A 4 4.90 0.11 2.17
CA PHE A 4 4.78 -0.30 0.80
C PHE A 4 3.46 0.18 0.26
N CYS A 5 3.51 0.75 -0.91
CA CYS A 5 2.34 1.35 -1.50
C CYS A 5 1.77 0.46 -2.57
N TYR A 6 0.52 0.13 -2.40
CA TYR A 6 -0.20 -0.64 -3.34
C TYR A 6 -1.35 0.18 -3.79
N SER A 7 -1.39 0.49 -5.04
CA SER A 7 -2.42 1.33 -5.59
C SER A 7 -3.77 0.62 -5.53
N ASP A 8 -3.69 -0.67 -5.66
CA ASP A 8 -4.84 -1.52 -5.57
C ASP A 8 -5.28 -1.72 -4.11
N ARG A 9 -6.57 -1.78 -3.91
CA ARG A 9 -7.17 -1.89 -2.59
C ARG A 9 -7.04 -3.30 -2.03
N PHE A 10 -6.70 -4.24 -2.88
CA PHE A 10 -6.57 -5.63 -2.48
C PHE A 10 -5.11 -5.98 -2.26
N CYS A 11 -4.26 -4.93 -2.24
CA CYS A 11 -2.80 -5.07 -1.99
C CYS A 11 -2.11 -5.80 -3.15
N GLN A 12 -2.74 -5.86 -4.31
CA GLN A 12 -2.18 -6.62 -5.41
C GLN A 12 -1.32 -5.78 -6.35
N ASN A 13 -1.26 -4.47 -6.14
CA ASN A 13 -0.49 -3.65 -7.07
C ASN A 13 0.60 -2.89 -6.38
N TYR A 14 1.75 -3.51 -6.27
CA TYR A 14 2.90 -2.90 -5.63
C TYR A 14 3.50 -1.86 -6.55
N ILE A 15 3.42 -0.60 -6.17
CA ILE A 15 3.99 0.47 -6.98
C ILE A 15 5.27 1.00 -6.39
N GLY A 16 5.69 0.40 -5.30
CA GLY A 16 6.89 0.82 -4.63
C GLY A 16 6.58 1.28 -3.25
N SER A 17 7.35 2.17 -2.74
CA SER A 17 7.14 2.72 -1.44
C SER A 17 7.55 4.17 -1.46
N ILE A 18 6.69 5.02 -0.98
CA ILE A 18 6.96 6.44 -0.96
C ILE A 18 6.52 7.01 0.38
N PRO A 19 7.32 7.95 0.94
CA PRO A 19 7.00 8.60 2.22
C PRO A 19 5.61 9.22 2.25
N ASP A 20 5.24 9.90 1.19
CA ASP A 20 3.94 10.53 1.12
C ASP A 20 2.98 9.60 0.39
N CYS A 21 2.83 8.41 0.92
CA CYS A 21 2.03 7.34 0.31
C CYS A 21 0.55 7.71 0.29
N CYS A 22 0.10 8.42 1.31
CA CYS A 22 -1.30 8.78 1.41
C CYS A 22 -1.65 10.06 0.67
N PHE A 23 -0.69 10.63 0.00
CA PHE A 23 -0.94 11.81 -0.81
C PHE A 23 -1.10 11.43 -2.27
N GLY A 24 -1.46 10.18 -2.44
CA GLY A 24 -1.74 9.59 -3.69
C GLY A 24 -2.69 8.46 -3.43
N ARG A 25 -3.31 7.93 -4.45
CA ARG A 25 -4.23 6.84 -4.28
C ARG A 25 -3.48 5.54 -4.08
N GLY A 26 -3.58 5.00 -2.90
CA GLY A 26 -2.91 3.79 -2.61
C GLY A 26 -3.16 3.30 -1.20
N SER A 27 -2.81 2.10 -0.97
CA SER A 27 -2.91 1.45 0.30
C SER A 27 -1.48 1.18 0.75
N TYR A 28 -1.22 1.21 2.02
CA TYR A 28 0.12 0.97 2.49
C TYR A 28 0.16 -0.09 3.56
N SER A 29 1.21 -0.83 3.57
CA SER A 29 1.43 -1.86 4.56
C SER A 29 2.91 -1.96 4.82
N PHE A 30 3.28 -2.71 5.82
CA PHE A 30 4.67 -2.87 6.16
C PHE A 30 5.12 -4.28 5.81
N GLU A 31 4.32 -4.95 5.01
CA GLU A 31 4.59 -6.29 4.56
C GLU A 31 4.34 -6.36 3.05
N LEU A 32 5.04 -7.26 2.39
CA LEU A 32 4.93 -7.45 0.96
C LEU A 32 3.76 -8.34 0.62
N GLN A 33 2.84 -7.77 -0.13
CA GLN A 33 1.60 -8.41 -0.57
C GLN A 33 0.82 -9.07 0.59
N PRO A 34 0.22 -8.27 1.46
CA PRO A 34 -0.64 -8.77 2.51
C PRO A 34 -2.09 -8.86 2.02
N PRO A 35 -2.99 -9.50 2.77
CA PRO A 35 -4.41 -9.49 2.44
C PRO A 35 -4.98 -8.06 2.55
N PRO A 36 -5.98 -7.70 1.68
CA PRO A 36 -6.56 -6.33 1.53
C PRO A 36 -6.67 -5.51 2.83
N TRP A 37 -7.26 -6.11 3.84
CA TRP A 37 -7.54 -5.46 5.12
C TRP A 37 -6.28 -5.08 5.91
N GLU A 38 -5.16 -5.68 5.58
CA GLU A 38 -3.91 -5.42 6.27
C GLU A 38 -3.20 -4.20 5.68
N CYS A 39 -3.63 -3.80 4.50
CA CYS A 39 -3.13 -2.60 3.88
C CYS A 39 -4.01 -1.46 4.30
N TYR A 40 -3.42 -0.42 4.79
CA TYR A 40 -4.14 0.73 5.21
C TYR A 40 -4.43 1.57 3.99
N GLN A 41 -5.68 1.63 3.62
CA GLN A 41 -6.12 2.37 2.47
C GLN A 41 -6.14 3.85 2.79
N CYS A 42 -5.29 4.60 2.14
CA CYS A 42 -5.21 6.02 2.35
C CYS A 42 -6.50 6.69 1.91
N GLU A 2 9.11 0.51 6.40
CA GLU A 2 8.77 1.15 5.16
C GLU A 2 7.33 0.89 4.83
N ALA A 3 6.68 1.88 4.31
CA ALA A 3 5.33 1.73 3.87
C ALA A 3 5.36 1.34 2.42
N PHE A 4 4.82 0.19 2.12
CA PHE A 4 4.78 -0.31 0.78
C PHE A 4 3.51 0.15 0.14
N CYS A 5 3.62 0.80 -0.98
CA CYS A 5 2.48 1.40 -1.62
C CYS A 5 1.89 0.51 -2.69
N TYR A 6 0.60 0.38 -2.62
CA TYR A 6 -0.15 -0.36 -3.58
C TYR A 6 -1.20 0.56 -4.14
N SER A 7 -1.37 0.52 -5.42
CA SER A 7 -2.33 1.35 -6.12
C SER A 7 -3.69 0.64 -6.12
N ASP A 8 -3.69 -0.48 -5.46
CA ASP A 8 -4.80 -1.36 -5.37
C ASP A 8 -5.18 -1.52 -3.90
N ARG A 9 -6.45 -1.49 -3.61
CA ARG A 9 -6.93 -1.59 -2.25
C ARG A 9 -7.04 -3.02 -1.75
N PHE A 10 -6.70 -3.96 -2.58
CA PHE A 10 -6.67 -5.34 -2.16
C PHE A 10 -5.23 -5.74 -1.90
N CYS A 11 -4.34 -4.72 -1.98
CA CYS A 11 -2.89 -4.89 -1.72
C CYS A 11 -2.25 -5.71 -2.83
N GLN A 12 -2.88 -5.74 -3.99
CA GLN A 12 -2.40 -6.57 -5.07
C GLN A 12 -1.39 -5.88 -5.97
N ASN A 13 -1.37 -4.56 -6.01
CA ASN A 13 -0.51 -3.89 -7.00
C ASN A 13 0.57 -3.07 -6.33
N TYR A 14 1.72 -3.66 -6.15
CA TYR A 14 2.85 -3.00 -5.53
C TYR A 14 3.48 -2.02 -6.51
N ILE A 15 3.51 -0.77 -6.15
CA ILE A 15 4.08 0.25 -7.03
C ILE A 15 5.44 0.75 -6.52
N GLY A 16 5.72 0.48 -5.27
CA GLY A 16 6.98 0.89 -4.68
C GLY A 16 6.78 1.26 -3.24
N SER A 17 7.80 1.76 -2.61
CA SER A 17 7.70 2.20 -1.24
C SER A 17 8.23 3.62 -1.13
N ILE A 18 7.46 4.49 -0.53
CA ILE A 18 7.80 5.91 -0.41
C ILE A 18 7.20 6.46 0.88
N PRO A 19 7.83 7.50 1.47
CA PRO A 19 7.32 8.13 2.69
C PRO A 19 6.35 9.27 2.37
N ASP A 20 5.94 9.31 1.13
CA ASP A 20 5.01 10.28 0.59
C ASP A 20 3.93 9.50 -0.15
N CYS A 21 3.58 8.39 0.45
CA CYS A 21 2.66 7.42 -0.13
C CYS A 21 1.20 7.94 -0.15
N CYS A 22 0.91 8.92 0.68
CA CYS A 22 -0.47 9.38 0.84
C CYS A 22 -0.87 10.49 -0.12
N PHE A 23 -0.09 10.71 -1.15
CA PHE A 23 -0.44 11.72 -2.12
C PHE A 23 -1.14 11.09 -3.32
N GLY A 24 -2.38 10.71 -3.11
CA GLY A 24 -3.18 10.09 -4.15
C GLY A 24 -3.79 8.82 -3.64
N ARG A 25 -4.32 7.99 -4.52
CA ARG A 25 -4.87 6.71 -4.14
C ARG A 25 -3.73 5.76 -3.83
N GLY A 26 -3.59 5.41 -2.58
CA GLY A 26 -2.53 4.56 -2.19
C GLY A 26 -2.83 3.81 -0.93
N SER A 27 -2.65 2.53 -0.99
CA SER A 27 -2.79 1.67 0.14
C SER A 27 -1.38 1.34 0.58
N TYR A 28 -1.14 1.25 1.85
CA TYR A 28 0.18 0.95 2.31
C TYR A 28 0.15 -0.11 3.37
N SER A 29 1.11 -0.98 3.33
CA SER A 29 1.23 -2.02 4.30
C SER A 29 2.68 -2.11 4.71
N PHE A 30 2.97 -2.88 5.73
CA PHE A 30 4.33 -3.07 6.18
C PHE A 30 4.83 -4.45 5.79
N GLU A 31 4.04 -5.12 4.97
CA GLU A 31 4.39 -6.41 4.41
C GLU A 31 4.23 -6.37 2.91
N LEU A 32 5.02 -7.15 2.21
CA LEU A 32 4.96 -7.23 0.77
C LEU A 32 3.84 -8.15 0.34
N GLN A 33 2.85 -7.56 -0.30
CA GLN A 33 1.65 -8.22 -0.80
C GLN A 33 0.92 -9.09 0.24
N PRO A 34 0.28 -8.44 1.23
CA PRO A 34 -0.53 -9.13 2.20
C PRO A 34 -2.02 -9.12 1.77
N PRO A 35 -2.91 -9.80 2.50
CA PRO A 35 -4.36 -9.74 2.22
C PRO A 35 -4.90 -8.29 2.33
N PRO A 36 -6.04 -7.98 1.64
CA PRO A 36 -6.63 -6.61 1.55
C PRO A 36 -6.74 -5.87 2.89
N TRP A 37 -7.10 -6.59 3.92
CA TRP A 37 -7.33 -6.00 5.22
C TRP A 37 -6.04 -5.56 5.93
N GLU A 38 -4.91 -6.01 5.44
CA GLU A 38 -3.64 -5.72 6.07
C GLU A 38 -3.01 -4.41 5.60
N CYS A 39 -3.64 -3.78 4.65
CA CYS A 39 -3.17 -2.49 4.20
C CYS A 39 -3.97 -1.39 4.84
N TYR A 40 -3.29 -0.34 5.15
CA TYR A 40 -3.92 0.85 5.65
C TYR A 40 -4.07 1.74 4.44
N GLN A 41 -4.97 2.64 4.47
CA GLN A 41 -5.18 3.46 3.31
C GLN A 41 -5.03 4.91 3.67
N CYS A 42 -4.49 5.67 2.76
CA CYS A 42 -4.30 7.07 2.98
C CYS A 42 -5.60 7.80 2.68
N GLU A 2 9.78 1.95 5.65
CA GLU A 2 9.17 2.29 4.39
C GLU A 2 7.85 1.58 4.24
N ALA A 3 6.83 2.32 3.94
CA ALA A 3 5.54 1.77 3.73
C ALA A 3 5.41 1.40 2.27
N PHE A 4 4.98 0.21 2.01
CA PHE A 4 4.83 -0.27 0.66
C PHE A 4 3.52 0.23 0.11
N CYS A 5 3.55 0.75 -1.08
CA CYS A 5 2.39 1.38 -1.67
C CYS A 5 1.78 0.52 -2.75
N TYR A 6 0.51 0.26 -2.58
CA TYR A 6 -0.24 -0.52 -3.50
C TYR A 6 -1.43 0.28 -3.95
N SER A 7 -1.49 0.56 -5.20
CA SER A 7 -2.61 1.32 -5.77
C SER A 7 -3.76 0.37 -6.12
N ASP A 8 -3.95 -0.56 -5.24
CA ASP A 8 -4.94 -1.58 -5.32
C ASP A 8 -5.39 -1.87 -3.91
N ARG A 9 -6.68 -2.00 -3.73
CA ARG A 9 -7.23 -2.19 -2.38
C ARG A 9 -7.19 -3.64 -1.94
N PHE A 10 -6.66 -4.49 -2.77
CA PHE A 10 -6.51 -5.88 -2.44
C PHE A 10 -5.05 -6.15 -2.11
N CYS A 11 -4.25 -5.06 -2.09
CA CYS A 11 -2.82 -5.08 -1.75
C CYS A 11 -2.01 -5.82 -2.82
N GLN A 12 -2.55 -5.93 -4.01
CA GLN A 12 -1.89 -6.69 -5.04
C GLN A 12 -1.08 -5.85 -6.03
N ASN A 13 -1.25 -4.55 -6.02
CA ASN A 13 -0.55 -3.75 -7.05
C ASN A 13 0.50 -2.88 -6.45
N TYR A 14 1.70 -3.41 -6.38
CA TYR A 14 2.84 -2.73 -5.78
C TYR A 14 3.41 -1.72 -6.76
N ILE A 15 3.33 -0.45 -6.40
CA ILE A 15 3.87 0.58 -7.27
C ILE A 15 5.24 1.02 -6.77
N GLY A 16 5.50 0.78 -5.51
CA GLY A 16 6.72 1.16 -4.90
C GLY A 16 6.54 1.26 -3.41
N SER A 17 7.36 2.03 -2.77
CA SER A 17 7.27 2.20 -1.34
C SER A 17 7.77 3.57 -0.94
N ILE A 18 6.97 4.26 -0.18
CA ILE A 18 7.29 5.59 0.32
C ILE A 18 6.58 5.79 1.65
N PRO A 19 7.23 6.40 2.66
CA PRO A 19 6.59 6.68 3.94
C PRO A 19 5.43 7.65 3.77
N ASP A 20 5.65 8.60 2.87
CA ASP A 20 4.69 9.64 2.51
C ASP A 20 3.72 9.13 1.44
N CYS A 21 3.23 7.93 1.68
CA CYS A 21 2.42 7.18 0.73
C CYS A 21 1.02 7.76 0.54
N CYS A 22 0.48 8.38 1.57
CA CYS A 22 -0.91 8.86 1.51
C CYS A 22 -1.12 10.10 0.67
N PHE A 23 -0.07 10.61 0.07
CA PHE A 23 -0.23 11.71 -0.87
C PHE A 23 -0.60 11.15 -2.23
N GLY A 24 -0.44 9.84 -2.37
CA GLY A 24 -0.81 9.15 -3.56
C GLY A 24 -2.00 8.26 -3.28
N ARG A 25 -2.77 7.96 -4.29
CA ARG A 25 -3.93 7.10 -4.14
C ARG A 25 -3.53 5.64 -4.06
N GLY A 26 -4.00 4.97 -3.02
CA GLY A 26 -3.69 3.58 -2.85
C GLY A 26 -3.79 3.14 -1.41
N SER A 27 -3.14 2.05 -1.13
CA SER A 27 -3.11 1.46 0.16
C SER A 27 -1.64 1.26 0.54
N TYR A 28 -1.32 1.33 1.79
CA TYR A 28 0.05 1.12 2.21
C TYR A 28 0.11 0.06 3.29
N SER A 29 1.16 -0.68 3.32
CA SER A 29 1.33 -1.69 4.31
C SER A 29 2.81 -1.83 4.60
N PHE A 30 3.14 -2.58 5.61
CA PHE A 30 4.51 -2.78 5.96
C PHE A 30 4.92 -4.22 5.65
N GLU A 31 4.17 -4.85 4.76
CA GLU A 31 4.44 -6.21 4.34
C GLU A 31 4.21 -6.31 2.82
N LEU A 32 4.99 -7.15 2.16
CA LEU A 32 4.88 -7.34 0.71
C LEU A 32 3.65 -8.17 0.37
N GLN A 33 2.71 -7.50 -0.28
CA GLN A 33 1.40 -8.06 -0.70
C GLN A 33 0.67 -8.84 0.41
N PRO A 34 0.20 -8.17 1.45
CA PRO A 34 -0.60 -8.82 2.50
C PRO A 34 -2.07 -8.93 2.05
N PRO A 35 -2.95 -9.58 2.83
CA PRO A 35 -4.38 -9.60 2.50
C PRO A 35 -4.97 -8.17 2.54
N PRO A 36 -6.02 -7.89 1.70
CA PRO A 36 -6.67 -6.56 1.55
C PRO A 36 -6.85 -5.76 2.85
N TRP A 37 -7.33 -6.43 3.89
CA TRP A 37 -7.63 -5.81 5.17
C TRP A 37 -6.39 -5.36 5.95
N GLU A 38 -5.25 -5.88 5.56
CA GLU A 38 -4.01 -5.58 6.25
C GLU A 38 -3.37 -4.28 5.77
N CYS A 39 -3.73 -3.85 4.60
CA CYS A 39 -3.22 -2.59 4.10
C CYS A 39 -4.02 -1.45 4.67
N TYR A 40 -3.34 -0.42 5.02
CA TYR A 40 -3.96 0.75 5.54
C TYR A 40 -4.28 1.61 4.34
N GLN A 41 -5.52 1.95 4.18
CA GLN A 41 -5.94 2.68 3.02
C GLN A 41 -5.90 4.16 3.28
N CYS A 42 -5.29 4.88 2.38
CA CYS A 42 -5.18 6.31 2.51
C CYS A 42 -6.49 6.95 2.10
N GLU A 2 9.98 -0.57 5.98
CA GLU A 2 9.42 0.32 4.99
C GLU A 2 7.95 0.06 4.79
N ALA A 3 7.22 1.10 4.45
CA ALA A 3 5.83 0.99 4.14
C ALA A 3 5.69 0.88 2.64
N PHE A 4 5.14 -0.20 2.20
CA PHE A 4 5.03 -0.49 0.80
C PHE A 4 3.71 0.03 0.30
N CYS A 5 3.75 0.80 -0.76
CA CYS A 5 2.58 1.42 -1.30
C CYS A 5 2.06 0.62 -2.49
N TYR A 6 0.79 0.40 -2.47
CA TYR A 6 0.09 -0.30 -3.52
C TYR A 6 -0.94 0.63 -4.07
N SER A 7 -1.12 0.60 -5.36
CA SER A 7 -2.05 1.50 -6.02
C SER A 7 -3.49 1.05 -5.81
N ASP A 8 -3.64 -0.19 -5.44
CA ASP A 8 -4.94 -0.78 -5.30
C ASP A 8 -5.18 -1.22 -3.90
N ARG A 9 -6.43 -1.22 -3.50
CA ARG A 9 -6.84 -1.60 -2.17
C ARG A 9 -6.77 -3.09 -1.97
N PHE A 10 -6.53 -3.81 -3.04
CA PHE A 10 -6.45 -5.26 -2.99
C PHE A 10 -5.03 -5.74 -2.64
N CYS A 11 -4.13 -4.77 -2.40
CA CYS A 11 -2.77 -5.05 -1.86
C CYS A 11 -1.85 -5.82 -2.81
N GLN A 12 -2.21 -5.98 -4.06
CA GLN A 12 -1.36 -6.75 -4.94
C GLN A 12 -0.74 -5.93 -6.06
N ASN A 13 -0.81 -4.61 -5.95
CA ASN A 13 -0.19 -3.77 -6.96
C ASN A 13 0.80 -2.83 -6.36
N TYR A 14 1.98 -3.34 -6.14
CA TYR A 14 3.09 -2.61 -5.55
C TYR A 14 3.59 -1.53 -6.50
N ILE A 15 3.63 -0.31 -6.03
CA ILE A 15 4.16 0.79 -6.83
C ILE A 15 5.46 1.29 -6.23
N GLY A 16 5.84 0.69 -5.14
CA GLY A 16 7.06 1.05 -4.49
C GLY A 16 6.79 1.63 -3.14
N SER A 17 7.69 2.39 -2.64
CA SER A 17 7.54 3.07 -1.40
C SER A 17 7.90 4.53 -1.62
N ILE A 18 7.04 5.41 -1.18
CA ILE A 18 7.19 6.84 -1.43
C ILE A 18 6.67 7.63 -0.25
N PRO A 19 7.23 8.82 0.02
CA PRO A 19 6.80 9.67 1.14
C PRO A 19 5.41 10.25 0.92
N ASP A 20 5.03 10.36 -0.34
CA ASP A 20 3.74 10.91 -0.74
C ASP A 20 2.76 9.78 -1.00
N CYS A 21 2.95 8.68 -0.30
CA CYS A 21 2.18 7.44 -0.44
C CYS A 21 0.66 7.69 -0.42
N CYS A 22 0.20 8.52 0.50
CA CYS A 22 -1.23 8.77 0.64
C CYS A 22 -1.72 9.93 -0.23
N PHE A 23 -0.86 10.47 -1.06
CA PHE A 23 -1.25 11.52 -1.96
C PHE A 23 -1.68 10.89 -3.27
N GLY A 24 -2.85 10.35 -3.24
CA GLY A 24 -3.43 9.64 -4.35
C GLY A 24 -4.04 8.38 -3.81
N ARG A 25 -4.50 7.51 -4.66
CA ARG A 25 -5.03 6.24 -4.20
C ARG A 25 -3.89 5.32 -3.85
N GLY A 26 -3.80 4.95 -2.61
CA GLY A 26 -2.71 4.13 -2.19
C GLY A 26 -3.03 3.36 -0.94
N SER A 27 -2.59 2.17 -0.91
CA SER A 27 -2.72 1.33 0.23
C SER A 27 -1.30 1.04 0.69
N TYR A 28 -1.03 1.14 1.94
CA TYR A 28 0.30 0.89 2.40
C TYR A 28 0.33 -0.16 3.48
N SER A 29 1.22 -1.07 3.36
CA SER A 29 1.38 -2.10 4.34
C SER A 29 2.85 -2.27 4.63
N PHE A 30 3.15 -2.94 5.70
CA PHE A 30 4.53 -3.18 6.04
C PHE A 30 4.92 -4.60 5.64
N GLU A 31 4.04 -5.25 4.91
CA GLU A 31 4.30 -6.61 4.42
C GLU A 31 4.02 -6.64 2.92
N LEU A 32 4.73 -7.50 2.21
CA LEU A 32 4.59 -7.63 0.76
C LEU A 32 3.37 -8.45 0.40
N GLN A 33 2.43 -7.77 -0.22
CA GLN A 33 1.14 -8.32 -0.65
C GLN A 33 0.41 -9.12 0.45
N PRO A 34 -0.11 -8.43 1.47
CA PRO A 34 -0.92 -9.05 2.50
C PRO A 34 -2.40 -9.01 2.07
N PRO A 35 -3.33 -9.60 2.83
CA PRO A 35 -4.75 -9.50 2.53
C PRO A 35 -5.23 -8.03 2.62
N PRO A 36 -6.28 -7.65 1.85
CA PRO A 36 -6.76 -6.24 1.73
C PRO A 36 -6.95 -5.50 3.06
N TRP A 37 -7.42 -6.19 4.08
CA TRP A 37 -7.68 -5.58 5.39
C TRP A 37 -6.39 -5.25 6.15
N GLU A 38 -5.28 -5.77 5.70
CA GLU A 38 -4.01 -5.54 6.37
C GLU A 38 -3.28 -4.33 5.81
N CYS A 39 -3.74 -3.84 4.70
CA CYS A 39 -3.17 -2.66 4.12
C CYS A 39 -3.87 -1.46 4.65
N TYR A 40 -3.12 -0.47 5.04
CA TYR A 40 -3.67 0.74 5.52
C TYR A 40 -4.08 1.56 4.35
N GLN A 41 -5.33 1.83 4.27
CA GLN A 41 -5.92 2.54 3.21
C GLN A 41 -5.73 4.04 3.40
N CYS A 42 -5.13 4.67 2.43
CA CYS A 42 -5.01 6.10 2.44
C CYS A 42 -6.33 6.67 1.95
N GLU A 2 9.67 3.09 5.41
CA GLU A 2 8.95 3.04 4.15
C GLU A 2 7.59 2.40 4.35
N ALA A 3 6.62 2.97 3.71
CA ALA A 3 5.31 2.39 3.61
C ALA A 3 5.19 1.82 2.20
N PHE A 4 4.76 0.61 2.10
CA PHE A 4 4.67 -0.09 0.82
C PHE A 4 3.37 0.26 0.15
N CYS A 5 3.46 0.78 -1.04
CA CYS A 5 2.29 1.31 -1.73
C CYS A 5 1.70 0.33 -2.74
N TYR A 6 0.40 0.18 -2.65
CA TYR A 6 -0.36 -0.63 -3.56
C TYR A 6 -1.47 0.22 -4.14
N SER A 7 -1.51 0.24 -5.45
CA SER A 7 -2.46 1.06 -6.23
C SER A 7 -3.92 0.81 -5.83
N ASP A 8 -4.22 -0.42 -5.52
CA ASP A 8 -5.57 -0.81 -5.23
C ASP A 8 -5.68 -1.35 -3.80
N ARG A 9 -6.86 -1.27 -3.24
CA ARG A 9 -7.11 -1.64 -1.85
C ARG A 9 -7.15 -3.15 -1.60
N PHE A 10 -6.99 -3.94 -2.66
CA PHE A 10 -6.93 -5.38 -2.51
C PHE A 10 -5.48 -5.89 -2.40
N CYS A 11 -4.53 -4.94 -2.34
CA CYS A 11 -3.09 -5.20 -2.03
C CYS A 11 -2.31 -5.93 -3.13
N GLN A 12 -2.91 -6.15 -4.27
CA GLN A 12 -2.26 -6.90 -5.32
C GLN A 12 -1.48 -6.02 -6.30
N ASN A 13 -1.28 -4.76 -6.00
CA ASN A 13 -0.60 -3.90 -6.98
C ASN A 13 0.53 -3.12 -6.34
N TYR A 14 1.67 -3.74 -6.19
CA TYR A 14 2.82 -3.10 -5.54
C TYR A 14 3.48 -2.11 -6.50
N ILE A 15 3.63 -0.88 -6.07
CA ILE A 15 4.25 0.16 -6.90
C ILE A 15 5.50 0.75 -6.26
N GLY A 16 5.90 0.20 -5.15
CA GLY A 16 7.09 0.67 -4.49
C GLY A 16 6.85 0.97 -3.06
N SER A 17 7.78 1.65 -2.45
CA SER A 17 7.70 1.95 -1.05
C SER A 17 8.23 3.36 -0.78
N ILE A 18 7.47 4.14 -0.04
CA ILE A 18 7.83 5.53 0.29
C ILE A 18 7.38 5.84 1.72
N PRO A 19 8.05 6.77 2.43
CA PRO A 19 7.72 7.10 3.84
C PRO A 19 6.26 7.50 4.04
N ASP A 20 5.79 8.43 3.26
CA ASP A 20 4.39 8.82 3.31
C ASP A 20 3.71 8.41 2.03
N CYS A 21 2.91 7.38 2.12
CA CYS A 21 2.26 6.81 0.95
C CYS A 21 0.91 7.48 0.67
N CYS A 22 0.39 8.18 1.65
CA CYS A 22 -0.94 8.79 1.52
C CYS A 22 -0.93 10.12 0.78
N PHE A 23 0.10 10.34 0.00
CA PHE A 23 0.18 11.50 -0.88
C PHE A 23 -0.19 11.08 -2.30
N GLY A 24 -0.94 10.01 -2.36
CA GLY A 24 -1.43 9.48 -3.59
C GLY A 24 -2.51 8.48 -3.29
N ARG A 25 -3.20 8.04 -4.31
CA ARG A 25 -4.24 7.04 -4.16
C ARG A 25 -3.62 5.66 -4.00
N GLY A 26 -3.90 5.01 -2.90
CA GLY A 26 -3.39 3.70 -2.71
C GLY A 26 -3.58 3.18 -1.30
N SER A 27 -3.02 2.03 -1.06
CA SER A 27 -3.06 1.38 0.21
C SER A 27 -1.63 1.11 0.62
N TYR A 28 -1.34 1.08 1.89
CA TYR A 28 0.00 0.85 2.30
C TYR A 28 0.09 -0.25 3.37
N SER A 29 1.20 -0.91 3.39
CA SER A 29 1.52 -1.92 4.37
C SER A 29 3.02 -1.85 4.59
N PHE A 30 3.54 -2.56 5.53
CA PHE A 30 4.97 -2.53 5.76
C PHE A 30 5.58 -3.88 5.39
N GLU A 31 4.90 -4.56 4.49
CA GLU A 31 5.28 -5.89 4.02
C GLU A 31 4.77 -6.07 2.60
N LEU A 32 5.33 -7.04 1.90
CA LEU A 32 5.00 -7.31 0.50
C LEU A 32 3.70 -8.08 0.40
N GLN A 33 2.75 -7.50 -0.30
CA GLN A 33 1.41 -8.06 -0.60
C GLN A 33 0.76 -8.87 0.53
N PRO A 34 0.17 -8.19 1.51
CA PRO A 34 -0.60 -8.85 2.55
C PRO A 34 -2.06 -8.98 2.08
N PRO A 35 -2.93 -9.67 2.82
CA PRO A 35 -4.34 -9.73 2.47
C PRO A 35 -5.00 -8.32 2.52
N PRO A 36 -5.94 -8.04 1.58
CA PRO A 36 -6.65 -6.75 1.40
C PRO A 36 -6.94 -5.93 2.68
N TRP A 37 -7.45 -6.61 3.68
CA TRP A 37 -7.88 -5.99 4.93
C TRP A 37 -6.73 -5.59 5.85
N GLU A 38 -5.53 -5.98 5.49
CA GLU A 38 -4.37 -5.67 6.29
C GLU A 38 -3.64 -4.45 5.74
N CYS A 39 -3.96 -4.07 4.52
CA CYS A 39 -3.40 -2.87 3.97
C CYS A 39 -4.18 -1.68 4.49
N TYR A 40 -3.48 -0.71 4.98
CA TYR A 40 -4.08 0.47 5.49
C TYR A 40 -4.34 1.37 4.31
N GLN A 41 -5.55 1.77 4.13
CA GLN A 41 -5.89 2.56 2.99
C GLN A 41 -5.79 4.04 3.28
N CYS A 42 -5.32 4.78 2.31
CA CYS A 42 -5.23 6.19 2.42
C CYS A 42 -6.55 6.80 1.95
N GLU A 2 8.77 1.19 6.67
CA GLU A 2 8.56 1.43 5.26
C GLU A 2 7.14 1.08 4.88
N ALA A 3 6.47 2.05 4.34
CA ALA A 3 5.13 1.89 3.88
C ALA A 3 5.15 1.54 2.41
N PHE A 4 4.61 0.41 2.10
CA PHE A 4 4.56 -0.09 0.74
C PHE A 4 3.24 0.33 0.16
N CYS A 5 3.27 0.85 -1.03
CA CYS A 5 2.10 1.42 -1.62
C CYS A 5 1.49 0.52 -2.67
N TYR A 6 0.22 0.31 -2.54
CA TYR A 6 -0.53 -0.50 -3.44
C TYR A 6 -1.72 0.25 -3.93
N SER A 7 -1.77 0.49 -5.20
CA SER A 7 -2.84 1.22 -5.86
C SER A 7 -4.10 0.34 -6.03
N ASP A 8 -4.40 -0.42 -5.01
CA ASP A 8 -5.51 -1.31 -4.98
C ASP A 8 -5.88 -1.58 -3.53
N ARG A 9 -7.14 -1.74 -3.29
CA ARG A 9 -7.70 -1.91 -1.95
C ARG A 9 -7.39 -3.30 -1.39
N PHE A 10 -7.09 -4.22 -2.26
CA PHE A 10 -6.85 -5.60 -1.89
C PHE A 10 -5.35 -5.87 -1.93
N CYS A 11 -4.57 -4.78 -1.96
CA CYS A 11 -3.10 -4.81 -1.91
C CYS A 11 -2.50 -5.42 -3.17
N GLN A 12 -3.24 -5.44 -4.25
CA GLN A 12 -2.78 -6.12 -5.45
C GLN A 12 -1.80 -5.32 -6.29
N ASN A 13 -1.80 -4.01 -6.19
CA ASN A 13 -1.00 -3.23 -7.15
C ASN A 13 0.17 -2.52 -6.51
N TYR A 14 1.27 -3.22 -6.34
CA TYR A 14 2.46 -2.66 -5.73
C TYR A 14 3.09 -1.61 -6.66
N ILE A 15 3.23 -0.40 -6.18
CA ILE A 15 3.86 0.66 -6.98
C ILE A 15 5.18 1.08 -6.38
N GLY A 16 5.56 0.43 -5.32
CA GLY A 16 6.79 0.75 -4.67
C GLY A 16 6.55 1.10 -3.25
N SER A 17 7.46 1.83 -2.68
CA SER A 17 7.36 2.23 -1.32
C SER A 17 7.83 3.67 -1.18
N ILE A 18 7.03 4.49 -0.54
CA ILE A 18 7.33 5.89 -0.34
C ILE A 18 6.76 6.33 1.00
N PRO A 19 7.43 7.25 1.71
CA PRO A 19 6.97 7.74 3.00
C PRO A 19 5.85 8.78 2.86
N ASP A 20 5.54 9.10 1.64
CA ASP A 20 4.47 10.03 1.28
C ASP A 20 3.39 9.26 0.54
N CYS A 21 3.19 8.04 1.00
CA CYS A 21 2.27 7.09 0.37
C CYS A 21 0.83 7.63 0.29
N CYS A 22 0.39 8.36 1.31
CA CYS A 22 -0.97 8.91 1.35
C CYS A 22 -1.12 10.11 0.43
N PHE A 23 -0.06 10.49 -0.23
CA PHE A 23 -0.09 11.56 -1.20
C PHE A 23 -0.05 10.96 -2.59
N GLY A 24 -0.07 9.64 -2.64
CA GLY A 24 -0.04 8.93 -3.88
C GLY A 24 -1.25 8.03 -3.99
N ARG A 25 -1.38 7.37 -5.11
CA ARG A 25 -2.51 6.47 -5.33
C ARG A 25 -2.32 5.15 -4.63
N GLY A 26 -3.11 4.87 -3.63
CA GLY A 26 -3.03 3.56 -3.08
C GLY A 26 -3.13 3.47 -1.59
N SER A 27 -3.12 2.24 -1.16
CA SER A 27 -3.18 1.83 0.21
C SER A 27 -1.74 1.56 0.63
N TYR A 28 -1.50 1.49 1.91
CA TYR A 28 -0.16 1.25 2.38
C TYR A 28 -0.15 0.09 3.36
N SER A 29 0.88 -0.68 3.32
CA SER A 29 1.08 -1.74 4.26
C SER A 29 2.52 -1.72 4.70
N PHE A 30 2.85 -2.47 5.72
CA PHE A 30 4.21 -2.51 6.19
C PHE A 30 4.88 -3.81 5.78
N GLU A 31 4.17 -4.60 4.99
CA GLU A 31 4.68 -5.86 4.48
C GLU A 31 4.43 -5.98 2.98
N LEU A 32 5.18 -6.84 2.35
CA LEU A 32 5.13 -7.04 0.91
C LEU A 32 4.08 -8.05 0.51
N GLN A 33 3.21 -7.60 -0.40
CA GLN A 33 2.12 -8.40 -0.98
C GLN A 33 1.27 -9.13 0.07
N PRO A 34 0.64 -8.40 1.00
CA PRO A 34 -0.16 -8.99 2.03
C PRO A 34 -1.66 -9.01 1.63
N PRO A 35 -2.51 -9.73 2.36
CA PRO A 35 -3.95 -9.74 2.11
C PRO A 35 -4.60 -8.36 2.37
N PRO A 36 -5.78 -8.07 1.74
CA PRO A 36 -6.51 -6.78 1.83
C PRO A 36 -6.54 -6.16 3.25
N TRP A 37 -6.77 -6.99 4.25
CA TRP A 37 -6.92 -6.53 5.64
C TRP A 37 -5.62 -6.05 6.27
N GLU A 38 -4.53 -6.28 5.61
CA GLU A 38 -3.23 -5.90 6.11
C GLU A 38 -2.79 -4.54 5.56
N CYS A 39 -3.54 -4.04 4.61
CA CYS A 39 -3.27 -2.72 4.06
C CYS A 39 -4.16 -1.70 4.71
N TYR A 40 -3.66 -0.53 4.85
CA TYR A 40 -4.40 0.54 5.45
C TYR A 40 -4.68 1.57 4.38
N GLN A 41 -5.81 2.19 4.45
CA GLN A 41 -6.22 3.14 3.46
C GLN A 41 -5.99 4.55 3.96
N CYS A 42 -5.68 5.44 3.05
CA CYS A 42 -5.46 6.81 3.38
C CYS A 42 -6.75 7.56 3.17
N GLU A 2 9.39 1.44 5.58
CA GLU A 2 8.92 2.01 4.35
C GLU A 2 7.48 1.67 4.24
N ALA A 3 6.72 2.50 3.62
CA ALA A 3 5.36 2.17 3.37
C ALA A 3 5.29 1.61 1.97
N PHE A 4 4.87 0.40 1.86
CA PHE A 4 4.75 -0.27 0.59
C PHE A 4 3.46 0.15 -0.04
N CYS A 5 3.56 0.84 -1.13
CA CYS A 5 2.42 1.41 -1.79
C CYS A 5 1.84 0.48 -2.82
N TYR A 6 0.56 0.27 -2.72
CA TYR A 6 -0.18 -0.48 -3.66
C TYR A 6 -1.26 0.41 -4.17
N SER A 7 -1.33 0.56 -5.45
CA SER A 7 -2.32 1.40 -6.05
C SER A 7 -3.68 0.73 -5.94
N ASP A 8 -3.65 -0.56 -6.04
CA ASP A 8 -4.80 -1.41 -5.88
C ASP A 8 -5.19 -1.46 -4.40
N ARG A 9 -6.47 -1.30 -4.13
CA ARG A 9 -6.95 -1.24 -2.75
C ARG A 9 -7.09 -2.62 -2.11
N PHE A 10 -6.67 -3.64 -2.80
CA PHE A 10 -6.73 -4.99 -2.28
C PHE A 10 -5.32 -5.53 -2.11
N CYS A 11 -4.32 -4.62 -2.18
CA CYS A 11 -2.88 -4.94 -1.98
C CYS A 11 -2.31 -5.72 -3.17
N GLN A 12 -2.98 -5.71 -4.31
CA GLN A 12 -2.55 -6.53 -5.45
C GLN A 12 -1.66 -5.80 -6.46
N ASN A 13 -1.46 -4.49 -6.30
CA ASN A 13 -0.63 -3.75 -7.26
C ASN A 13 0.43 -2.92 -6.59
N TYR A 14 1.57 -3.54 -6.34
CA TYR A 14 2.71 -2.87 -5.70
C TYR A 14 3.35 -1.87 -6.67
N ILE A 15 3.41 -0.62 -6.29
CA ILE A 15 3.98 0.41 -7.16
C ILE A 15 5.35 0.91 -6.66
N GLY A 16 5.67 0.60 -5.43
CA GLY A 16 6.94 1.03 -4.86
C GLY A 16 6.83 1.23 -3.38
N SER A 17 7.89 1.67 -2.76
CA SER A 17 7.91 1.89 -1.34
C SER A 17 8.49 3.27 -1.04
N ILE A 18 7.78 4.02 -0.22
CA ILE A 18 8.16 5.39 0.13
C ILE A 18 7.70 5.69 1.56
N PRO A 19 8.25 6.74 2.21
CA PRO A 19 7.85 7.11 3.57
C PRO A 19 6.39 7.59 3.64
N ASP A 20 6.08 8.61 2.87
CA ASP A 20 4.74 9.17 2.86
C ASP A 20 4.01 8.63 1.65
N CYS A 21 3.11 7.72 1.87
CA CYS A 21 2.44 7.03 0.81
C CYS A 21 1.01 7.57 0.58
N CYS A 22 0.51 8.34 1.52
CA CYS A 22 -0.89 8.76 1.42
C CYS A 22 -1.11 10.06 0.67
N PHE A 23 -0.11 10.48 -0.10
CA PHE A 23 -0.30 11.61 -0.99
C PHE A 23 -1.06 11.15 -2.23
N GLY A 24 -1.03 9.85 -2.45
CA GLY A 24 -1.76 9.25 -3.52
C GLY A 24 -2.75 8.28 -2.96
N ARG A 25 -3.89 8.14 -3.59
CA ARG A 25 -4.90 7.23 -3.11
C ARG A 25 -4.54 5.79 -3.44
N GLY A 26 -4.49 4.98 -2.44
CA GLY A 26 -4.14 3.61 -2.60
C GLY A 26 -4.05 2.96 -1.26
N SER A 27 -3.21 1.97 -1.15
CA SER A 27 -3.06 1.24 0.08
C SER A 27 -1.58 1.15 0.40
N TYR A 28 -1.23 1.11 1.66
CA TYR A 28 0.13 0.93 2.05
C TYR A 28 0.21 -0.08 3.17
N SER A 29 1.27 -0.79 3.23
CA SER A 29 1.49 -1.73 4.26
C SER A 29 2.95 -1.71 4.65
N PHE A 30 3.29 -2.37 5.72
CA PHE A 30 4.66 -2.47 6.15
C PHE A 30 5.10 -3.91 6.00
N GLU A 31 4.41 -4.58 5.11
CA GLU A 31 4.61 -5.97 4.79
C GLU A 31 4.36 -6.16 3.30
N LEU A 32 5.12 -7.03 2.68
CA LEU A 32 4.95 -7.32 1.27
C LEU A 32 3.95 -8.43 1.08
N GLN A 33 3.07 -8.25 0.10
CA GLN A 33 2.00 -9.18 -0.23
C GLN A 33 1.16 -9.60 1.00
N PRO A 34 0.42 -8.66 1.58
CA PRO A 34 -0.44 -8.92 2.71
C PRO A 34 -1.91 -9.09 2.27
N PRO A 35 -2.79 -9.58 3.16
CA PRO A 35 -4.22 -9.66 2.87
C PRO A 35 -4.79 -8.25 2.63
N PRO A 36 -5.84 -8.12 1.78
CA PRO A 36 -6.42 -6.81 1.39
C PRO A 36 -6.88 -5.95 2.58
N TRP A 37 -7.32 -6.61 3.62
CA TRP A 37 -7.81 -5.94 4.81
C TRP A 37 -6.69 -5.48 5.74
N GLU A 38 -5.48 -5.92 5.45
CA GLU A 38 -4.35 -5.61 6.29
C GLU A 38 -3.65 -4.32 5.84
N CYS A 39 -3.74 -3.99 4.57
CA CYS A 39 -3.14 -2.76 4.08
C CYS A 39 -3.93 -1.57 4.60
N TYR A 40 -3.23 -0.52 4.94
CA TYR A 40 -3.86 0.69 5.40
C TYR A 40 -4.19 1.48 4.17
N GLN A 41 -5.32 2.10 4.13
CA GLN A 41 -5.74 2.78 2.94
C GLN A 41 -5.54 4.27 3.04
N CYS A 42 -5.16 4.87 1.96
CA CYS A 42 -4.95 6.28 1.89
C CYS A 42 -6.19 6.92 1.27
N GLU A 2 9.25 2.81 5.74
CA GLU A 2 8.50 3.17 4.55
C GLU A 2 7.36 2.21 4.34
N ALA A 3 6.32 2.70 3.76
CA ALA A 3 5.16 1.92 3.54
C ALA A 3 5.10 1.50 2.10
N PHE A 4 4.70 0.28 1.89
CA PHE A 4 4.58 -0.28 0.58
C PHE A 4 3.24 0.10 0.02
N CYS A 5 3.27 0.74 -1.11
CA CYS A 5 2.10 1.31 -1.73
C CYS A 5 1.51 0.39 -2.78
N TYR A 6 0.23 0.13 -2.63
CA TYR A 6 -0.51 -0.65 -3.56
C TYR A 6 -1.70 0.13 -3.98
N SER A 7 -1.76 0.43 -5.22
CA SER A 7 -2.80 1.22 -5.79
C SER A 7 -4.12 0.47 -5.73
N ASP A 8 -4.03 -0.82 -5.91
CA ASP A 8 -5.15 -1.70 -5.76
C ASP A 8 -5.49 -1.83 -4.29
N ARG A 9 -6.75 -1.67 -3.95
CA ARG A 9 -7.21 -1.70 -2.56
C ARG A 9 -7.26 -3.10 -1.96
N PHE A 10 -6.87 -4.09 -2.72
CA PHE A 10 -6.81 -5.45 -2.24
C PHE A 10 -5.37 -5.88 -2.12
N CYS A 11 -4.47 -4.87 -2.22
CA CYS A 11 -3.00 -5.03 -2.06
C CYS A 11 -2.39 -5.77 -3.27
N GLN A 12 -3.10 -5.84 -4.38
CA GLN A 12 -2.65 -6.64 -5.53
C GLN A 12 -1.76 -5.86 -6.50
N ASN A 13 -1.66 -4.56 -6.36
CA ASN A 13 -0.86 -3.78 -7.33
C ASN A 13 0.16 -2.92 -6.65
N TYR A 14 1.35 -3.46 -6.50
CA TYR A 14 2.45 -2.74 -5.90
C TYR A 14 2.98 -1.68 -6.86
N ILE A 15 3.01 -0.44 -6.42
CA ILE A 15 3.52 0.64 -7.25
C ILE A 15 4.87 1.14 -6.77
N GLY A 16 5.10 1.07 -5.48
CA GLY A 16 6.34 1.53 -4.93
C GLY A 16 6.26 1.59 -3.44
N SER A 17 7.23 2.16 -2.81
CA SER A 17 7.26 2.28 -1.38
C SER A 17 7.85 3.63 -0.97
N ILE A 18 7.15 4.32 -0.08
CA ILE A 18 7.53 5.65 0.38
C ILE A 18 7.16 5.80 1.84
N PRO A 19 7.81 6.73 2.59
CA PRO A 19 7.53 6.98 4.01
C PRO A 19 6.05 7.22 4.27
N ASP A 20 5.50 8.24 3.66
CA ASP A 20 4.09 8.51 3.78
C ASP A 20 3.44 8.18 2.47
N CYS A 21 2.66 7.16 2.46
CA CYS A 21 2.08 6.67 1.24
C CYS A 21 0.78 7.42 0.90
N CYS A 22 0.44 8.42 1.68
CA CYS A 22 -0.78 9.13 1.43
C CYS A 22 -0.60 10.13 0.29
N PHE A 23 0.65 10.35 -0.10
CA PHE A 23 0.95 11.17 -1.27
C PHE A 23 0.70 10.36 -2.54
N GLY A 24 0.73 9.05 -2.39
CA GLY A 24 0.46 8.15 -3.48
C GLY A 24 -0.77 7.34 -3.16
N ARG A 25 -1.92 8.01 -3.26
CA ARG A 25 -3.22 7.48 -2.85
C ARG A 25 -3.48 6.05 -3.29
N GLY A 26 -3.76 5.25 -2.31
CA GLY A 26 -4.02 3.87 -2.48
C GLY A 26 -3.94 3.19 -1.14
N SER A 27 -3.45 2.00 -1.12
CA SER A 27 -3.34 1.22 0.07
C SER A 27 -1.88 1.13 0.46
N TYR A 28 -1.59 1.01 1.74
CA TYR A 28 -0.22 0.87 2.17
C TYR A 28 -0.11 -0.15 3.28
N SER A 29 0.95 -0.90 3.25
CA SER A 29 1.25 -1.85 4.28
C SER A 29 2.70 -1.70 4.65
N PHE A 30 3.11 -2.34 5.69
CA PHE A 30 4.49 -2.28 6.11
C PHE A 30 5.16 -3.61 5.90
N GLU A 31 4.61 -4.38 4.98
CA GLU A 31 5.15 -5.66 4.58
C GLU A 31 4.71 -5.96 3.16
N LEU A 32 5.46 -6.78 2.48
CA LEU A 32 5.13 -7.19 1.13
C LEU A 32 4.22 -8.39 1.13
N GLN A 33 3.45 -8.53 0.07
CA GLN A 33 2.48 -9.61 -0.12
C GLN A 33 1.47 -9.71 1.04
N PRO A 34 0.64 -8.66 1.24
CA PRO A 34 -0.38 -8.65 2.27
C PRO A 34 -1.81 -8.89 1.71
N PRO A 35 -2.72 -9.37 2.55
CA PRO A 35 -4.12 -9.46 2.18
C PRO A 35 -4.80 -8.08 2.34
N PRO A 36 -5.93 -7.83 1.63
CA PRO A 36 -6.64 -6.52 1.59
C PRO A 36 -6.79 -5.85 2.95
N TRP A 37 -7.16 -6.63 3.91
CA TRP A 37 -7.45 -6.16 5.25
C TRP A 37 -6.21 -5.79 6.06
N GLU A 38 -5.04 -6.01 5.51
CA GLU A 38 -3.84 -5.60 6.21
C GLU A 38 -3.20 -4.37 5.59
N CYS A 39 -3.78 -3.89 4.51
CA CYS A 39 -3.34 -2.65 3.93
C CYS A 39 -4.20 -1.53 4.45
N TYR A 40 -3.58 -0.46 4.87
CA TYR A 40 -4.29 0.69 5.36
C TYR A 40 -4.62 1.55 4.16
N GLN A 41 -5.67 2.33 4.25
CA GLN A 41 -6.06 3.17 3.13
C GLN A 41 -5.79 4.63 3.43
N CYS A 42 -5.14 5.31 2.53
CA CYS A 42 -4.92 6.73 2.68
C CYS A 42 -6.11 7.49 2.12
N GLU A 2 9.42 2.54 5.46
CA GLU A 2 8.91 2.21 4.16
C GLU A 2 7.50 1.69 4.23
N ALA A 3 6.62 2.42 3.65
CA ALA A 3 5.27 2.01 3.49
C ALA A 3 5.13 1.56 2.05
N PHE A 4 4.72 0.34 1.87
CA PHE A 4 4.59 -0.25 0.56
C PHE A 4 3.29 0.18 -0.04
N CYS A 5 3.38 0.96 -1.08
CA CYS A 5 2.23 1.52 -1.72
C CYS A 5 1.67 0.60 -2.80
N TYR A 6 0.42 0.29 -2.65
CA TYR A 6 -0.32 -0.48 -3.61
C TYR A 6 -1.44 0.35 -4.10
N SER A 7 -1.45 0.64 -5.37
CA SER A 7 -2.49 1.43 -6.00
C SER A 7 -3.83 0.68 -5.88
N ASP A 8 -3.71 -0.61 -5.90
CA ASP A 8 -4.82 -1.52 -5.74
C ASP A 8 -5.23 -1.53 -4.27
N ARG A 9 -6.51 -1.35 -4.02
CA ARG A 9 -7.01 -1.25 -2.67
C ARG A 9 -7.07 -2.61 -1.96
N PHE A 10 -6.73 -3.66 -2.68
CA PHE A 10 -6.79 -5.01 -2.15
C PHE A 10 -5.37 -5.56 -1.95
N CYS A 11 -4.38 -4.65 -2.01
CA CYS A 11 -2.94 -4.95 -1.74
C CYS A 11 -2.32 -5.78 -2.86
N GLN A 12 -2.92 -5.77 -4.04
CA GLN A 12 -2.43 -6.63 -5.11
C GLN A 12 -1.56 -5.91 -6.15
N ASN A 13 -1.42 -4.59 -6.07
CA ASN A 13 -0.61 -3.89 -7.09
C ASN A 13 0.42 -3.00 -6.45
N TYR A 14 1.56 -3.57 -6.14
CA TYR A 14 2.68 -2.85 -5.56
C TYR A 14 3.30 -1.92 -6.58
N ILE A 15 3.49 -0.67 -6.21
CA ILE A 15 4.11 0.28 -7.12
C ILE A 15 5.46 0.78 -6.59
N GLY A 16 5.62 0.82 -5.29
CA GLY A 16 6.85 1.30 -4.71
C GLY A 16 6.69 1.48 -3.23
N SER A 17 7.75 1.84 -2.55
CA SER A 17 7.70 2.03 -1.12
C SER A 17 8.32 3.35 -0.74
N ILE A 18 7.62 4.10 0.07
CA ILE A 18 8.05 5.41 0.53
C ILE A 18 7.58 5.59 1.97
N PRO A 19 8.16 6.51 2.76
CA PRO A 19 7.76 6.71 4.17
C PRO A 19 6.30 7.15 4.29
N ASP A 20 5.98 8.25 3.67
CA ASP A 20 4.64 8.76 3.60
C ASP A 20 4.04 8.34 2.27
N CYS A 21 2.92 7.67 2.32
CA CYS A 21 2.33 7.06 1.14
C CYS A 21 0.91 7.61 0.86
N CYS A 22 0.32 8.28 1.82
CA CYS A 22 -1.07 8.68 1.70
C CYS A 22 -1.32 9.96 0.92
N PHE A 23 -0.35 10.39 0.15
CA PHE A 23 -0.54 11.53 -0.71
C PHE A 23 -0.86 11.07 -2.13
N GLY A 24 -1.11 9.79 -2.24
CA GLY A 24 -1.50 9.19 -3.48
C GLY A 24 -2.60 8.18 -3.26
N ARG A 25 -3.23 7.76 -4.32
CA ARG A 25 -4.30 6.76 -4.25
C ARG A 25 -3.71 5.39 -4.07
N GLY A 26 -3.93 4.80 -2.92
CA GLY A 26 -3.43 3.49 -2.70
C GLY A 26 -3.62 3.01 -1.29
N SER A 27 -3.09 1.87 -1.02
CA SER A 27 -3.15 1.24 0.26
C SER A 27 -1.71 0.92 0.62
N TYR A 28 -1.36 0.97 1.87
CA TYR A 28 0.00 0.66 2.21
C TYR A 28 0.10 -0.36 3.33
N SER A 29 1.15 -1.10 3.31
CA SER A 29 1.45 -2.06 4.33
C SER A 29 2.93 -1.97 4.62
N PHE A 30 3.38 -2.62 5.65
CA PHE A 30 4.79 -2.60 6.00
C PHE A 30 5.48 -3.90 5.60
N GLU A 31 4.84 -4.61 4.67
CA GLU A 31 5.33 -5.87 4.15
C GLU A 31 4.81 -6.05 2.73
N LEU A 32 5.37 -7.00 2.01
CA LEU A 32 4.95 -7.28 0.64
C LEU A 32 3.93 -8.40 0.59
N GLN A 33 3.00 -8.29 -0.35
CA GLN A 33 1.90 -9.23 -0.60
C GLN A 33 1.10 -9.59 0.69
N PRO A 34 0.35 -8.64 1.24
CA PRO A 34 -0.48 -8.87 2.40
C PRO A 34 -1.99 -9.04 2.05
N PRO A 35 -2.82 -9.53 3.00
CA PRO A 35 -4.27 -9.61 2.81
C PRO A 35 -4.89 -8.20 2.67
N PRO A 36 -5.93 -8.06 1.82
CA PRO A 36 -6.55 -6.75 1.48
C PRO A 36 -6.96 -5.90 2.69
N TRP A 37 -7.41 -6.55 3.74
CA TRP A 37 -7.89 -5.84 4.93
C TRP A 37 -6.76 -5.32 5.81
N GLU A 38 -5.53 -5.72 5.54
CA GLU A 38 -4.40 -5.30 6.38
C GLU A 38 -3.64 -4.12 5.80
N CYS A 39 -4.03 -3.66 4.65
CA CYS A 39 -3.41 -2.50 4.09
C CYS A 39 -4.13 -1.27 4.55
N TYR A 40 -3.38 -0.33 5.04
CA TYR A 40 -3.90 0.92 5.49
C TYR A 40 -4.33 1.70 4.28
N GLN A 41 -5.60 1.97 4.21
CA GLN A 41 -6.17 2.66 3.10
C GLN A 41 -5.91 4.15 3.17
N CYS A 42 -5.13 4.63 2.23
CA CYS A 42 -4.85 6.03 2.14
C CYS A 42 -6.02 6.75 1.51
N GLU A 2 10.08 2.39 5.10
CA GLU A 2 9.24 2.59 3.94
C GLU A 2 7.94 1.83 4.10
N ALA A 3 6.88 2.43 3.66
CA ALA A 3 5.61 1.79 3.61
C ALA A 3 5.42 1.32 2.19
N PHE A 4 4.87 0.17 2.04
CA PHE A 4 4.71 -0.41 0.73
C PHE A 4 3.39 0.05 0.16
N CYS A 5 3.45 0.67 -0.98
CA CYS A 5 2.29 1.26 -1.59
C CYS A 5 1.72 0.38 -2.69
N TYR A 6 0.43 0.18 -2.64
CA TYR A 6 -0.29 -0.58 -3.61
C TYR A 6 -1.44 0.24 -4.10
N SER A 7 -1.57 0.32 -5.38
CA SER A 7 -2.65 1.07 -5.98
C SER A 7 -3.94 0.29 -5.82
N ASP A 8 -3.80 -1.00 -5.93
CA ASP A 8 -4.89 -1.91 -5.79
C ASP A 8 -5.33 -2.02 -4.34
N ARG A 9 -6.62 -2.06 -4.16
CA ARG A 9 -7.27 -2.08 -2.87
C ARG A 9 -7.11 -3.43 -2.18
N PHE A 10 -6.74 -4.44 -2.93
CA PHE A 10 -6.62 -5.76 -2.39
C PHE A 10 -5.15 -6.13 -2.20
N CYS A 11 -4.28 -5.10 -2.27
CA CYS A 11 -2.83 -5.23 -2.05
C CYS A 11 -2.18 -6.04 -3.18
N GLN A 12 -2.82 -6.08 -4.32
CA GLN A 12 -2.33 -6.90 -5.41
C GLN A 12 -1.58 -6.07 -6.48
N ASN A 13 -1.30 -4.81 -6.20
CA ASN A 13 -0.55 -3.98 -7.17
C ASN A 13 0.45 -3.10 -6.50
N TYR A 14 1.66 -3.59 -6.41
CA TYR A 14 2.74 -2.87 -5.79
C TYR A 14 3.21 -1.76 -6.72
N ILE A 15 3.17 -0.53 -6.25
CA ILE A 15 3.57 0.62 -7.06
C ILE A 15 4.81 1.30 -6.51
N GLY A 16 5.33 0.81 -5.42
CA GLY A 16 6.53 1.37 -4.86
C GLY A 16 6.49 1.41 -3.37
N SER A 17 7.50 1.97 -2.79
CA SER A 17 7.60 2.08 -1.37
C SER A 17 8.11 3.46 -1.00
N ILE A 18 7.43 4.10 -0.07
CA ILE A 18 7.80 5.43 0.40
C ILE A 18 7.38 5.53 1.86
N PRO A 19 8.07 6.34 2.68
CA PRO A 19 7.73 6.50 4.11
C PRO A 19 6.29 6.99 4.29
N ASP A 20 5.99 8.12 3.68
CA ASP A 20 4.64 8.65 3.73
C ASP A 20 3.97 8.27 2.44
N CYS A 21 3.05 7.35 2.52
CA CYS A 21 2.43 6.83 1.32
C CYS A 21 1.15 7.59 0.96
N CYS A 22 0.69 8.45 1.87
CA CYS A 22 -0.59 9.17 1.69
C CYS A 22 -0.49 10.36 0.75
N PHE A 23 0.51 10.40 -0.08
CA PHE A 23 0.60 11.41 -1.09
C PHE A 23 -0.08 10.90 -2.34
N GLY A 24 -1.38 11.02 -2.34
CA GLY A 24 -2.17 10.53 -3.44
C GLY A 24 -2.89 9.29 -3.02
N ARG A 25 -3.55 8.63 -3.93
CA ARG A 25 -4.26 7.40 -3.60
C ARG A 25 -3.29 6.25 -3.46
N GLY A 26 -3.52 5.40 -2.52
CA GLY A 26 -2.66 4.28 -2.31
C GLY A 26 -2.98 3.54 -1.05
N SER A 27 -2.85 2.25 -1.12
CA SER A 27 -3.00 1.39 0.01
C SER A 27 -1.59 1.11 0.49
N TYR A 28 -1.35 1.18 1.75
CA TYR A 28 -0.03 0.97 2.26
C TYR A 28 -0.03 -0.12 3.30
N SER A 29 1.00 -0.89 3.30
CA SER A 29 1.16 -1.91 4.28
C SER A 29 2.60 -1.92 4.75
N PHE A 30 2.84 -2.58 5.85
CA PHE A 30 4.18 -2.69 6.38
C PHE A 30 4.76 -4.05 6.03
N GLU A 31 4.03 -4.79 5.19
CA GLU A 31 4.42 -6.11 4.74
C GLU A 31 4.26 -6.19 3.23
N LEU A 32 4.99 -7.08 2.60
CA LEU A 32 4.92 -7.24 1.16
C LEU A 32 3.78 -8.14 0.75
N GLN A 33 2.85 -7.57 0.03
CA GLN A 33 1.62 -8.20 -0.46
C GLN A 33 0.92 -9.06 0.59
N PRO A 34 0.26 -8.43 1.55
CA PRO A 34 -0.52 -9.11 2.56
C PRO A 34 -2.00 -9.14 2.14
N PRO A 35 -2.88 -9.82 2.90
CA PRO A 35 -4.33 -9.81 2.64
C PRO A 35 -4.89 -8.36 2.65
N PRO A 36 -5.99 -8.10 1.88
CA PRO A 36 -6.60 -6.75 1.68
C PRO A 36 -6.78 -5.92 2.96
N TRP A 37 -7.10 -6.58 4.05
CA TRP A 37 -7.36 -5.89 5.32
C TRP A 37 -6.09 -5.37 5.96
N GLU A 38 -4.95 -5.86 5.52
CA GLU A 38 -3.68 -5.46 6.10
C GLU A 38 -3.11 -4.23 5.41
N CYS A 39 -3.75 -3.79 4.35
CA CYS A 39 -3.36 -2.58 3.71
C CYS A 39 -4.23 -1.46 4.19
N TYR A 40 -3.61 -0.47 4.74
CA TYR A 40 -4.28 0.69 5.25
C TYR A 40 -4.35 1.65 4.09
N GLN A 41 -5.45 2.26 3.87
CA GLN A 41 -5.60 3.07 2.69
C GLN A 41 -5.55 4.54 3.02
N CYS A 42 -4.89 5.30 2.19
CA CYS A 42 -4.81 6.72 2.38
C CYS A 42 -5.95 7.39 1.61
N GLU A 2 8.75 -0.73 6.36
CA GLU A 2 8.39 0.52 5.72
C GLU A 2 7.01 0.42 5.15
N ALA A 3 6.46 1.54 4.74
CA ALA A 3 5.16 1.55 4.13
C ALA A 3 5.31 1.24 2.66
N PHE A 4 4.72 0.18 2.24
CA PHE A 4 4.76 -0.23 0.86
C PHE A 4 3.48 0.21 0.21
N CYS A 5 3.59 0.80 -0.94
CA CYS A 5 2.47 1.42 -1.60
C CYS A 5 1.88 0.51 -2.66
N TYR A 6 0.60 0.28 -2.53
CA TYR A 6 -0.14 -0.52 -3.46
C TYR A 6 -1.23 0.33 -4.06
N SER A 7 -1.23 0.41 -5.35
CA SER A 7 -2.19 1.19 -6.11
C SER A 7 -3.50 0.40 -6.31
N ASP A 8 -3.88 -0.32 -5.29
CA ASP A 8 -5.05 -1.14 -5.29
C ASP A 8 -5.47 -1.39 -3.86
N ARG A 9 -6.75 -1.38 -3.61
CA ARG A 9 -7.29 -1.55 -2.26
C ARG A 9 -7.14 -2.97 -1.73
N PHE A 10 -6.84 -3.89 -2.60
CA PHE A 10 -6.70 -5.27 -2.20
C PHE A 10 -5.24 -5.65 -2.15
N CYS A 11 -4.37 -4.63 -2.14
CA CYS A 11 -2.90 -4.77 -1.99
C CYS A 11 -2.29 -5.47 -3.20
N GLN A 12 -2.99 -5.48 -4.32
CA GLN A 12 -2.54 -6.24 -5.47
C GLN A 12 -1.52 -5.50 -6.33
N ASN A 13 -1.48 -4.18 -6.23
CA ASN A 13 -0.63 -3.44 -7.17
C ASN A 13 0.54 -2.81 -6.49
N TYR A 14 1.58 -3.56 -6.30
CA TYR A 14 2.77 -3.06 -5.66
C TYR A 14 3.54 -2.18 -6.62
N ILE A 15 3.66 -0.91 -6.31
CA ILE A 15 4.42 -0.01 -7.15
C ILE A 15 5.78 0.27 -6.54
N GLY A 16 5.88 0.09 -5.26
CA GLY A 16 7.07 0.36 -4.56
C GLY A 16 6.75 1.03 -3.26
N SER A 17 7.63 1.82 -2.80
CA SER A 17 7.41 2.57 -1.61
C SER A 17 7.89 3.98 -1.85
N ILE A 18 7.06 4.95 -1.55
CA ILE A 18 7.36 6.34 -1.79
C ILE A 18 6.76 7.20 -0.69
N PRO A 19 7.40 8.35 -0.37
CA PRO A 19 6.89 9.28 0.65
C PRO A 19 5.51 9.85 0.29
N ASP A 20 5.16 9.74 -0.98
CA ASP A 20 3.88 10.22 -1.52
C ASP A 20 2.83 9.12 -1.45
N CYS A 21 3.03 8.18 -0.54
CA CYS A 21 2.18 6.99 -0.44
C CYS A 21 0.71 7.34 -0.18
N CYS A 22 0.44 8.10 0.87
CA CYS A 22 -0.93 8.49 1.18
C CYS A 22 -1.25 9.84 0.63
N PHE A 23 -0.42 10.32 -0.26
CA PHE A 23 -0.62 11.59 -0.91
C PHE A 23 -1.34 11.39 -2.24
N GLY A 24 -1.57 10.13 -2.57
CA GLY A 24 -2.25 9.75 -3.75
C GLY A 24 -3.11 8.54 -3.47
N ARG A 25 -3.72 7.98 -4.49
CA ARG A 25 -4.55 6.81 -4.31
C ARG A 25 -3.68 5.59 -4.15
N GLY A 26 -3.68 5.05 -2.96
CA GLY A 26 -2.88 3.91 -2.68
C GLY A 26 -3.12 3.39 -1.29
N SER A 27 -2.74 2.19 -1.06
CA SER A 27 -2.87 1.56 0.21
C SER A 27 -1.47 1.21 0.67
N TYR A 28 -1.22 1.24 1.95
CA TYR A 28 0.11 0.91 2.43
C TYR A 28 0.06 -0.17 3.47
N SER A 29 1.08 -0.95 3.50
CA SER A 29 1.24 -1.96 4.49
C SER A 29 2.69 -1.97 4.87
N PHE A 30 3.04 -2.61 5.94
CA PHE A 30 4.43 -2.69 6.36
C PHE A 30 5.01 -4.03 5.95
N GLU A 31 4.25 -4.76 5.17
CA GLU A 31 4.62 -6.06 4.72
C GLU A 31 4.35 -6.19 3.21
N LEU A 32 5.18 -6.95 2.52
CA LEU A 32 5.07 -7.15 1.09
C LEU A 32 4.05 -8.24 0.74
N GLN A 33 3.30 -7.98 -0.32
CA GLN A 33 2.23 -8.87 -0.82
C GLN A 33 1.25 -9.33 0.30
N PRO A 34 0.57 -8.41 0.97
CA PRO A 34 -0.33 -8.73 2.06
C PRO A 34 -1.80 -8.82 1.61
N PRO A 35 -2.70 -9.31 2.47
CA PRO A 35 -4.12 -9.33 2.18
C PRO A 35 -4.76 -7.94 2.43
N PRO A 36 -5.87 -7.61 1.72
CA PRO A 36 -6.56 -6.30 1.75
C PRO A 36 -6.68 -5.64 3.13
N TRP A 37 -7.06 -6.42 4.12
CA TRP A 37 -7.30 -5.92 5.46
C TRP A 37 -6.03 -5.47 6.18
N GLU A 38 -4.88 -5.95 5.72
CA GLU A 38 -3.63 -5.55 6.34
C GLU A 38 -3.03 -4.33 5.66
N CYS A 39 -3.69 -3.88 4.62
CA CYS A 39 -3.29 -2.64 3.99
C CYS A 39 -4.12 -1.53 4.52
N TYR A 40 -3.48 -0.48 4.89
CA TYR A 40 -4.12 0.65 5.41
C TYR A 40 -4.42 1.56 4.25
N GLN A 41 -5.67 1.82 4.06
CA GLN A 41 -6.13 2.59 2.94
C GLN A 41 -5.90 4.06 3.16
N CYS A 42 -5.11 4.66 2.31
CA CYS A 42 -4.93 6.08 2.36
C CYS A 42 -6.17 6.71 1.74
N GLU A 2 9.54 4.29 4.65
CA GLU A 2 8.80 3.94 3.47
C GLU A 2 7.83 2.81 3.77
N ALA A 3 6.60 2.97 3.41
CA ALA A 3 5.62 1.94 3.56
C ALA A 3 5.37 1.36 2.19
N PHE A 4 5.01 0.11 2.11
CA PHE A 4 4.78 -0.52 0.82
C PHE A 4 3.44 -0.08 0.31
N CYS A 5 3.45 0.58 -0.80
CA CYS A 5 2.26 1.17 -1.34
C CYS A 5 1.68 0.38 -2.49
N TYR A 6 0.41 0.14 -2.38
CA TYR A 6 -0.34 -0.57 -3.37
C TYR A 6 -1.48 0.29 -3.81
N SER A 7 -1.51 0.66 -5.05
CA SER A 7 -2.55 1.54 -5.63
C SER A 7 -3.86 0.78 -5.90
N ASP A 8 -4.04 -0.26 -5.18
CA ASP A 8 -5.18 -1.10 -5.25
C ASP A 8 -5.49 -1.49 -3.83
N ARG A 9 -6.73 -1.39 -3.45
CA ARG A 9 -7.14 -1.67 -2.10
C ARG A 9 -7.13 -3.15 -1.75
N PHE A 10 -6.96 -3.99 -2.75
CA PHE A 10 -6.85 -5.42 -2.51
C PHE A 10 -5.39 -5.80 -2.42
N CYS A 11 -4.53 -4.77 -2.40
CA CYS A 11 -3.07 -4.89 -2.24
C CYS A 11 -2.41 -5.46 -3.49
N GLN A 12 -3.10 -5.47 -4.60
CA GLN A 12 -2.57 -6.14 -5.77
C GLN A 12 -1.76 -5.24 -6.69
N ASN A 13 -1.63 -3.97 -6.37
CA ASN A 13 -0.89 -3.07 -7.24
C ASN A 13 0.30 -2.45 -6.55
N TYR A 14 1.39 -3.17 -6.49
CA TYR A 14 2.59 -2.68 -5.85
C TYR A 14 3.21 -1.59 -6.70
N ILE A 15 3.40 -0.42 -6.13
CA ILE A 15 4.00 0.68 -6.87
C ILE A 15 5.35 1.04 -6.29
N GLY A 16 5.69 0.40 -5.22
CA GLY A 16 6.92 0.67 -4.56
C GLY A 16 6.68 0.96 -3.12
N SER A 17 7.63 1.54 -2.48
CA SER A 17 7.50 1.89 -1.10
C SER A 17 7.93 3.32 -0.89
N ILE A 18 7.10 4.09 -0.22
CA ILE A 18 7.35 5.51 0.04
C ILE A 18 6.70 5.91 1.36
N PRO A 19 7.22 6.96 2.04
CA PRO A 19 6.63 7.45 3.28
C PRO A 19 5.34 8.23 3.00
N ASP A 20 5.30 8.83 1.83
CA ASP A 20 4.15 9.60 1.39
C ASP A 20 3.24 8.67 0.65
N CYS A 21 2.46 7.94 1.37
CA CYS A 21 1.66 6.94 0.71
C CYS A 21 0.21 7.40 0.51
N CYS A 22 -0.34 8.05 1.52
CA CYS A 22 -1.74 8.47 1.49
C CYS A 22 -1.93 9.81 0.80
N PHE A 23 -0.97 10.21 0.00
CA PHE A 23 -1.08 11.44 -0.74
C PHE A 23 -1.22 11.14 -2.21
N GLY A 24 -1.34 9.87 -2.49
CA GLY A 24 -1.50 9.39 -3.83
C GLY A 24 -2.32 8.13 -3.77
N ARG A 25 -2.44 7.47 -4.88
CA ARG A 25 -3.19 6.23 -4.93
C ARG A 25 -2.46 5.15 -4.18
N GLY A 26 -2.98 4.70 -3.07
CA GLY A 26 -2.30 3.70 -2.35
C GLY A 26 -2.98 3.20 -1.11
N SER A 27 -2.67 1.98 -0.82
CA SER A 27 -2.96 1.30 0.39
C SER A 27 -1.59 0.88 0.86
N TYR A 28 -1.28 1.05 2.09
CA TYR A 28 0.07 0.78 2.53
C TYR A 28 0.15 -0.31 3.56
N SER A 29 1.21 -1.05 3.50
CA SER A 29 1.46 -2.07 4.47
C SER A 29 2.94 -2.02 4.85
N PHE A 30 3.31 -2.76 5.87
CA PHE A 30 4.68 -2.80 6.31
C PHE A 30 5.28 -4.17 5.97
N GLU A 31 4.48 -4.96 5.29
CA GLU A 31 4.86 -6.28 4.82
C GLU A 31 4.51 -6.41 3.35
N LEU A 32 5.04 -7.41 2.73
CA LEU A 32 4.77 -7.71 1.34
C LEU A 32 3.75 -8.82 1.27
N GLN A 33 3.14 -8.96 0.11
CA GLN A 33 2.07 -9.95 -0.17
C GLN A 33 0.96 -9.92 0.91
N PRO A 34 0.28 -8.79 1.06
CA PRO A 34 -0.77 -8.65 2.05
C PRO A 34 -2.19 -8.78 1.46
N PRO A 35 -3.14 -9.26 2.24
CA PRO A 35 -4.53 -9.23 1.86
C PRO A 35 -5.13 -7.84 2.19
N PRO A 36 -6.23 -7.44 1.51
CA PRO A 36 -6.88 -6.09 1.64
C PRO A 36 -6.93 -5.53 3.08
N TRP A 37 -7.25 -6.38 4.04
CA TRP A 37 -7.38 -5.96 5.44
C TRP A 37 -6.06 -5.58 6.09
N GLU A 38 -4.95 -6.07 5.57
CA GLU A 38 -3.67 -5.70 6.14
C GLU A 38 -3.14 -4.40 5.53
N CYS A 39 -3.60 -4.08 4.36
CA CYS A 39 -3.20 -2.84 3.75
C CYS A 39 -4.02 -1.72 4.31
N TYR A 40 -3.35 -0.73 4.81
CA TYR A 40 -4.00 0.44 5.30
C TYR A 40 -4.41 1.24 4.10
N GLN A 41 -5.64 1.07 3.74
CA GLN A 41 -6.20 1.72 2.61
C GLN A 41 -6.37 3.18 2.93
N CYS A 42 -5.56 4.01 2.33
CA CYS A 42 -5.63 5.42 2.53
C CYS A 42 -7.01 5.93 2.11
#